data_4KXA
#
_entry.id   4KXA
#
_cell.length_a   142.093
_cell.length_b   142.093
_cell.length_c   237.414
_cell.angle_alpha   90.00
_cell.angle_beta   90.00
_cell.angle_gamma   120.00
#
_symmetry.space_group_name_H-M   'P 64 2 2'
#
loop_
_entity.id
_entity.type
_entity.pdbx_description
1 polymer 'Glutamyl aminopeptidase'
2 branched 2-acetamido-2-deoxy-beta-D-glucopyranose-(1-4)-2-acetamido-2-deoxy-beta-D-glucopyranose
3 branched 2-acetamido-2-deoxy-beta-D-glucopyranose-(1-4)-2-acetamido-2-deoxy-beta-D-glucopyranose-(1-4)-2-acetamido-2-deoxy-beta-D-glucopyranose
4 non-polymer 'CALCIUM ION'
5 non-polymer 'ZINC ION'
6 non-polymer 2-acetamido-2-deoxy-beta-D-glucopyranose
7 non-polymer 'ASPARTIC ACID'
8 water water
#
_entity_poly.entity_id   1
_entity_poly.type   'polypeptide(L)'
_entity_poly.pdbx_seq_one_letter_code
;DICPASEDESGQWKNFRLPDFVNPVHYDLHVKPLLEEDTYTGTVSISINLSAPTRYLWLHLRETRITRLPELKRPSGDQV
QVRRCFEYKKQEYVVVEAEEELTPSSGDGLYLLTMEFAGWLNGSLVGFYRTTYTENGRVKSIAATDHEPTDARKSFPCFD
EPNKKATYTISITHPKEYGALSNMPVAKEESVDDKWTRTTFEKSVPMSTYLVCFAVHQFDSVKRISNSGKPLTIYVQPEQ
KHTAEYAANITKSVFDYFEEYFAMNYSLPKLDKIAIPDFGTGAMENWGLITYRETNLLYDPKESASSNQQRVATVVAHEL
VHQWFGNIVTMDWWEDLWLNEGFASFFEFLGVNHAETDWQMRDQMLLEDVLPVQEDDSLMSSHPIIVTVTTPDEITSVFD
GISYSKGSSILRMLEDWIKPENFQKGCQMYLEKYQFKNAKTSDFWAALEEASRLPVKEVMDTWTRQMGYPVLNVNGVKNI
TQKRFLLDPRANPSQPPSDLGYTWNIPVKWTEDNITSSVLFNRSEKEGITLNSSNPSGNAFLKINPDHIGFYRVNYEVAT
WDSIATALSLNHKTFSSADRASLIDDAFALARAQLLDYKVALNLTKYLKREENFLPWQRVISAVTYIISMFEDDKELYPM
IEEYFQGQVKPIADSLGWNDAGDHVTKLLRSSVLGFACKMGDREALNNASSLFEQWLNGTVSLPVNLRLLVYRYGMQNSG
NEISWNYTLEQYQKTSLAQEKEKLLYGLASVKNVTLLSRYLDLLKDTNLIKTQDVFTVIRYISYNSYGKNMAWNWIQLNW
DYLVNRYTLNNRNLGRIVTIAEPFNTELQLWQMESFFAKYPQAGAGEKPREQVLETVKNNIEWLKQHRNTIREWFFNLLE
SGHHHHHH
;
_entity_poly.pdbx_strand_id   A
#
# COMPACT_ATOMS: atom_id res chain seq x y z
N ASP A 1 -0.67 -35.65 -13.35
CA ASP A 1 -0.95 -36.97 -13.97
C ASP A 1 -1.02 -36.88 -15.51
N ILE A 2 -1.84 -35.96 -16.00
CA ILE A 2 -1.97 -35.74 -17.44
C ILE A 2 -0.83 -34.91 -18.01
N CYS A 3 -0.47 -33.82 -17.31
CA CYS A 3 0.72 -33.04 -17.63
C CYS A 3 1.69 -33.15 -16.46
N PRO A 4 2.30 -34.33 -16.29
CA PRO A 4 3.06 -34.59 -15.06
C PRO A 4 4.23 -33.62 -14.90
N ALA A 5 4.62 -33.41 -13.64
CA ALA A 5 5.82 -32.66 -13.31
C ALA A 5 7.03 -33.38 -13.88
N SER A 6 7.96 -32.60 -14.46
CA SER A 6 9.24 -33.14 -14.90
C SER A 6 10.35 -32.19 -14.50
N GLU A 7 11.51 -32.75 -14.18
CA GLU A 7 12.65 -31.95 -13.76
C GLU A 7 13.59 -31.67 -14.94
N ASP A 8 13.06 -31.76 -16.15
CA ASP A 8 13.84 -31.54 -17.37
C ASP A 8 14.18 -30.06 -17.57
N GLU A 9 15.46 -29.73 -17.34
CA GLU A 9 15.97 -28.36 -17.44
C GLU A 9 16.43 -27.97 -18.86
N SER A 10 16.56 -28.95 -19.74
CA SER A 10 17.18 -28.75 -21.06
C SER A 10 16.28 -28.07 -22.11
N GLY A 11 15.78 -26.89 -21.77
CA GLY A 11 14.97 -26.08 -22.69
C GLY A 11 14.91 -24.62 -22.25
N GLN A 12 14.25 -23.80 -23.07
CA GLN A 12 14.14 -22.37 -22.79
C GLN A 12 13.17 -22.08 -21.64
N TRP A 13 12.40 -23.09 -21.26
CA TRP A 13 11.46 -23.00 -20.15
C TRP A 13 12.17 -23.01 -18.80
N LYS A 14 13.50 -23.24 -18.80
CA LYS A 14 14.29 -23.12 -17.57
C LYS A 14 14.45 -21.65 -17.16
N ASN A 15 14.25 -20.75 -18.13
CA ASN A 15 14.36 -19.31 -17.90
C ASN A 15 13.17 -18.74 -17.17
N PHE A 16 13.46 -17.88 -16.21
CA PHE A 16 12.44 -17.22 -15.39
C PHE A 16 11.51 -16.38 -16.24
N ARG A 17 12.07 -15.69 -17.22
CA ARG A 17 11.28 -14.85 -18.10
C ARG A 17 10.76 -15.64 -19.28
N LEU A 18 9.56 -15.29 -19.73
CA LEU A 18 8.98 -15.83 -20.96
C LEU A 18 9.85 -15.42 -22.14
N PRO A 19 9.89 -16.25 -23.20
CA PRO A 19 10.69 -15.91 -24.37
C PRO A 19 10.17 -14.71 -25.13
N ASP A 20 11.07 -14.07 -25.87
CA ASP A 20 10.78 -12.87 -26.64
C ASP A 20 9.86 -13.12 -27.85
N PHE A 21 9.88 -14.37 -28.35
CA PHE A 21 9.33 -14.69 -29.67
C PHE A 21 7.91 -15.31 -29.69
N VAL A 22 7.34 -15.54 -28.51
CA VAL A 22 5.99 -16.05 -28.41
C VAL A 22 5.11 -14.94 -27.82
N ASN A 23 4.11 -14.51 -28.59
CA ASN A 23 3.24 -13.43 -28.16
C ASN A 23 1.75 -13.71 -28.32
N PRO A 24 0.97 -13.46 -27.26
CA PRO A 24 -0.47 -13.65 -27.39
C PRO A 24 -1.12 -12.45 -28.07
N VAL A 25 -2.20 -12.70 -28.81
CA VAL A 25 -2.98 -11.62 -29.40
C VAL A 25 -4.37 -11.60 -28.77
N HIS A 26 -5.03 -12.76 -28.71
CA HIS A 26 -6.40 -12.87 -28.19
C HIS A 26 -6.62 -14.07 -27.28
N TYR A 27 -7.35 -13.84 -26.20
CA TYR A 27 -7.79 -14.91 -25.29
C TYR A 27 -9.30 -15.14 -25.39
N ASP A 28 -9.68 -16.38 -25.69
CA ASP A 28 -11.05 -16.84 -25.55
C ASP A 28 -11.15 -17.67 -24.29
N LEU A 29 -11.73 -17.09 -23.24
CA LEU A 29 -11.74 -17.71 -21.91
C LEU A 29 -13.14 -18.07 -21.43
N HIS A 30 -13.35 -19.35 -21.13
CA HIS A 30 -14.59 -19.80 -20.54
C HIS A 30 -14.35 -20.52 -19.21
N VAL A 31 -15.05 -20.07 -18.17
CA VAL A 31 -14.99 -20.72 -16.85
C VAL A 31 -16.38 -21.06 -16.32
N LYS A 32 -16.48 -22.23 -15.68
CA LYS A 32 -17.74 -22.65 -15.06
C LYS A 32 -17.48 -23.06 -13.61
N PRO A 33 -17.89 -22.21 -12.65
CA PRO A 33 -17.74 -22.54 -11.23
C PRO A 33 -18.80 -23.50 -10.72
N LEU A 34 -18.39 -24.44 -9.89
CA LEU A 34 -19.31 -25.27 -9.12
C LEU A 34 -19.30 -24.74 -7.67
N LEU A 35 -20.05 -23.66 -7.45
CA LEU A 35 -19.91 -22.86 -6.23
C LEU A 35 -20.01 -23.66 -4.94
N GLU A 36 -21.00 -24.54 -4.84
CA GLU A 36 -21.17 -25.32 -3.63
C GLU A 36 -20.07 -26.38 -3.44
N GLU A 37 -19.32 -26.65 -4.49
CA GLU A 37 -18.28 -27.68 -4.46
C GLU A 37 -16.89 -27.09 -4.24
N ASP A 38 -16.77 -25.77 -4.41
CA ASP A 38 -15.50 -25.04 -4.34
C ASP A 38 -14.54 -25.47 -5.46
N THR A 39 -15.11 -25.73 -6.64
CA THR A 39 -14.33 -26.07 -7.82
C THR A 39 -14.80 -25.28 -9.01
N TYR A 40 -13.95 -25.22 -10.03
CA TYR A 40 -14.33 -24.67 -11.32
C TYR A 40 -13.59 -25.40 -12.43
N THR A 41 -14.18 -25.39 -13.62
CA THR A 41 -13.49 -25.87 -14.81
C THR A 41 -13.48 -24.74 -15.82
N GLY A 42 -12.64 -24.89 -16.84
CA GLY A 42 -12.60 -23.93 -17.91
C GLY A 42 -11.79 -24.43 -19.09
N THR A 43 -12.00 -23.79 -20.23
CA THR A 43 -11.18 -23.97 -21.40
C THR A 43 -10.72 -22.60 -21.85
N VAL A 44 -9.49 -22.53 -22.36
CA VAL A 44 -8.97 -21.27 -22.91
C VAL A 44 -8.35 -21.46 -24.29
N SER A 45 -8.73 -20.57 -25.20
CA SER A 45 -8.13 -20.51 -26.54
C SER A 45 -7.33 -19.23 -26.66
N ILE A 46 -6.06 -19.39 -27.04
CA ILE A 46 -5.13 -18.27 -27.15
C ILE A 46 -4.55 -18.18 -28.58
N SER A 47 -4.69 -17.02 -29.21
CA SER A 47 -4.05 -16.77 -30.51
C SER A 47 -2.63 -16.25 -30.32
N ILE A 48 -1.67 -16.94 -30.94
CA ILE A 48 -0.25 -16.77 -30.63
C ILE A 48 0.59 -16.38 -31.85
N ASN A 49 1.26 -15.24 -31.75
CA ASN A 49 2.22 -14.78 -32.75
C ASN A 49 3.63 -15.32 -32.47
N LEU A 50 4.00 -16.35 -33.22
CA LEU A 50 5.30 -17.01 -33.07
C LEU A 50 6.32 -16.32 -33.96
N SER A 51 7.53 -16.13 -33.44
CA SER A 51 8.59 -15.39 -34.16
C SER A 51 9.86 -16.19 -34.44
N ALA A 52 9.95 -17.40 -33.88
CA ALA A 52 11.16 -18.21 -34.03
C ALA A 52 10.86 -19.71 -33.99
N PRO A 53 11.63 -20.52 -34.75
CA PRO A 53 11.55 -21.98 -34.68
C PRO A 53 11.59 -22.51 -33.23
N THR A 54 10.60 -23.31 -32.88
CA THR A 54 10.51 -23.90 -31.55
C THR A 54 9.77 -25.23 -31.60
N ARG A 55 10.25 -26.21 -30.84
CA ARG A 55 9.55 -27.46 -30.70
C ARG A 55 8.68 -27.47 -29.43
N TYR A 56 8.75 -26.38 -28.66
CA TYR A 56 8.04 -26.29 -27.39
C TYR A 56 7.27 -24.98 -27.24
N LEU A 57 6.03 -25.06 -26.80
CA LEU A 57 5.25 -23.89 -26.39
C LEU A 57 4.96 -23.96 -24.89
N TRP A 58 5.22 -22.87 -24.18
CA TRP A 58 5.02 -22.85 -22.73
C TRP A 58 4.47 -21.52 -22.22
N LEU A 59 3.73 -21.60 -21.11
CA LEU A 59 3.12 -20.45 -20.43
C LEU A 59 2.85 -20.76 -18.96
N HIS A 60 2.39 -19.75 -18.21
CA HIS A 60 2.30 -19.84 -16.76
C HIS A 60 1.03 -20.56 -16.29
N LEU A 61 1.18 -21.31 -15.20
CA LEU A 61 0.10 -22.08 -14.59
C LEU A 61 0.56 -22.47 -13.19
N ARG A 62 -0.28 -22.23 -12.18
CA ARG A 62 0.03 -22.68 -10.82
C ARG A 62 -1.18 -23.28 -10.12
N GLU A 63 -0.96 -24.45 -9.51
CA GLU A 63 -1.95 -25.19 -8.70
C GLU A 63 -3.16 -25.75 -9.47
N THR A 64 -3.82 -24.88 -10.24
CA THR A 64 -4.81 -25.29 -11.21
C THR A 64 -4.16 -26.26 -12.20
N ARG A 65 -4.82 -27.38 -12.47
CA ARG A 65 -4.27 -28.44 -13.33
C ARG A 65 -4.92 -28.45 -14.72
N ILE A 66 -4.13 -28.87 -15.71
CA ILE A 66 -4.64 -29.18 -17.04
C ILE A 66 -5.30 -30.57 -16.99
N THR A 67 -6.49 -30.67 -17.58
CA THR A 67 -7.31 -31.88 -17.49
C THR A 67 -7.37 -32.63 -18.81
N ARG A 68 -7.28 -31.89 -19.91
CA ARG A 68 -7.21 -32.47 -21.25
C ARG A 68 -5.92 -32.08 -21.94
N LEU A 69 -5.35 -33.04 -22.66
CA LEU A 69 -4.15 -32.82 -23.46
C LEU A 69 -4.45 -31.71 -24.48
N PRO A 70 -3.69 -30.62 -24.41
CA PRO A 70 -3.97 -29.41 -25.18
C PRO A 70 -3.86 -29.62 -26.69
N GLU A 71 -4.59 -28.79 -27.44
CA GLU A 71 -4.60 -28.91 -28.89
C GLU A 71 -4.18 -27.61 -29.59
N LEU A 72 -3.28 -27.74 -30.55
CA LEU A 72 -2.69 -26.60 -31.23
C LEU A 72 -3.06 -26.54 -32.72
N LYS A 73 -3.22 -25.31 -33.21
CA LYS A 73 -3.63 -25.03 -34.58
C LYS A 73 -2.54 -24.25 -35.30
N ARG A 74 -2.33 -24.56 -36.57
CA ARG A 74 -1.51 -23.71 -37.44
C ARG A 74 -2.32 -22.50 -37.93
N PRO A 75 -1.64 -21.40 -38.32
CA PRO A 75 -2.32 -20.24 -38.91
C PRO A 75 -3.21 -20.58 -40.13
N SER A 76 -2.85 -21.65 -40.84
CA SER A 76 -3.67 -22.16 -41.95
C SER A 76 -4.96 -22.81 -41.44
N GLY A 77 -4.90 -23.37 -40.23
CA GLY A 77 -6.06 -24.00 -39.60
C GLY A 77 -5.86 -25.45 -39.19
N ASP A 78 -4.78 -26.07 -39.66
CA ASP A 78 -4.52 -27.49 -39.43
C ASP A 78 -4.17 -27.80 -37.98
N GLN A 79 -4.56 -28.99 -37.52
CA GLN A 79 -4.22 -29.46 -36.17
C GLN A 79 -2.77 -29.93 -36.12
N VAL A 80 -2.01 -29.34 -35.19
CA VAL A 80 -0.60 -29.71 -34.98
C VAL A 80 -0.53 -30.90 -34.03
N GLN A 81 0.24 -31.92 -34.38
CA GLN A 81 0.38 -33.11 -33.53
C GLN A 81 1.27 -32.85 -32.31
N VAL A 82 0.78 -33.29 -31.15
CA VAL A 82 1.43 -33.00 -29.88
C VAL A 82 1.94 -34.28 -29.21
N ARG A 83 3.25 -34.32 -28.97
CA ARG A 83 3.92 -35.48 -28.37
C ARG A 83 3.53 -35.66 -26.91
N ARG A 84 3.74 -34.59 -26.13
CA ARG A 84 3.57 -34.60 -24.68
C ARG A 84 3.27 -33.22 -24.14
N CYS A 85 2.73 -33.19 -22.92
CA CYS A 85 2.73 -31.99 -22.10
C CYS A 85 3.39 -32.34 -20.78
N PHE A 86 3.92 -31.33 -20.11
CA PHE A 86 4.54 -31.52 -18.79
C PHE A 86 4.57 -30.20 -18.05
N GLU A 87 4.61 -30.29 -16.72
CA GLU A 87 4.78 -29.11 -15.89
C GLU A 87 6.22 -28.95 -15.45
N TYR A 88 6.69 -27.71 -15.48
CA TYR A 88 7.98 -27.36 -14.93
C TYR A 88 7.74 -26.45 -13.72
N LYS A 89 7.87 -27.03 -12.52
CA LYS A 89 7.48 -26.37 -11.26
C LYS A 89 8.35 -25.17 -10.93
N LYS A 90 9.66 -25.34 -11.11
CA LYS A 90 10.63 -24.35 -10.67
C LYS A 90 10.30 -22.94 -11.17
N GLN A 91 9.75 -22.84 -12.39
CA GLN A 91 9.40 -21.56 -12.97
C GLN A 91 7.90 -21.41 -13.29
N GLU A 92 7.09 -22.32 -12.74
CA GLU A 92 5.61 -22.25 -12.84
C GLU A 92 5.11 -22.27 -14.30
N TYR A 93 5.68 -23.18 -15.08
CA TYR A 93 5.29 -23.34 -16.48
C TYR A 93 4.57 -24.65 -16.69
N VAL A 94 3.63 -24.63 -17.64
CA VAL A 94 3.20 -25.86 -18.32
C VAL A 94 3.72 -25.82 -19.75
N VAL A 95 4.48 -26.85 -20.12
CA VAL A 95 5.09 -26.92 -21.44
C VAL A 95 4.48 -28.03 -22.28
N VAL A 96 4.15 -27.70 -23.53
CA VAL A 96 3.68 -28.68 -24.49
C VAL A 96 4.70 -28.81 -25.65
N GLU A 97 4.97 -30.05 -26.07
CA GLU A 97 5.92 -30.28 -27.16
C GLU A 97 5.31 -30.92 -28.41
N ALA A 98 5.32 -30.15 -29.50
CA ALA A 98 4.92 -30.66 -30.80
C ALA A 98 5.98 -31.65 -31.24
N GLU A 99 5.53 -32.75 -31.84
CA GLU A 99 6.44 -33.54 -32.62
C GLU A 99 6.67 -32.65 -33.82
N GLU A 100 7.95 -32.34 -34.05
CA GLU A 100 8.45 -31.70 -35.29
C GLU A 100 9.03 -30.28 -35.10
N GLU A 101 8.23 -29.36 -34.53
CA GLU A 101 8.58 -27.93 -34.45
C GLU A 101 7.90 -27.18 -35.58
N LEU A 102 7.51 -25.92 -35.35
CA LEU A 102 6.92 -25.15 -36.43
C LEU A 102 7.46 -23.71 -36.53
N THR A 103 7.11 -23.06 -37.63
CA THR A 103 7.75 -21.81 -38.07
C THR A 103 6.90 -20.56 -37.78
N PRO A 104 7.55 -19.38 -37.74
CA PRO A 104 6.91 -18.08 -37.48
C PRO A 104 5.58 -17.81 -38.19
N SER A 105 4.74 -17.00 -37.55
CA SER A 105 3.50 -16.50 -38.13
C SER A 105 3.81 -15.27 -38.97
N SER A 106 3.79 -15.45 -40.29
CA SER A 106 4.32 -14.47 -41.22
C SER A 106 3.36 -13.32 -41.57
N GLY A 107 2.08 -13.65 -41.80
CA GLY A 107 1.10 -12.66 -42.25
C GLY A 107 0.16 -12.18 -41.16
N ASP A 108 -1.14 -12.25 -41.44
CA ASP A 108 -2.18 -11.88 -40.48
C ASP A 108 -2.75 -13.11 -39.74
N GLY A 109 -2.21 -14.28 -40.05
CA GLY A 109 -2.63 -15.54 -39.42
C GLY A 109 -1.84 -15.85 -38.16
N LEU A 110 -2.46 -16.58 -37.24
CA LEU A 110 -1.88 -16.89 -35.94
C LEU A 110 -2.10 -18.34 -35.52
N TYR A 111 -1.20 -18.87 -34.70
CA TYR A 111 -1.42 -20.18 -34.07
C TYR A 111 -2.55 -20.08 -33.05
N LEU A 112 -3.24 -21.19 -32.79
CA LEU A 112 -4.28 -21.21 -31.77
C LEU A 112 -4.10 -22.38 -30.80
N LEU A 113 -3.87 -22.04 -29.53
CA LEU A 113 -3.65 -23.02 -28.49
C LEU A 113 -4.83 -23.04 -27.52
N THR A 114 -5.45 -24.21 -27.38
CA THR A 114 -6.56 -24.34 -26.45
C THR A 114 -6.24 -25.44 -25.43
N MET A 115 -6.55 -25.16 -24.16
CA MET A 115 -6.33 -26.12 -23.09
C MET A 115 -7.48 -26.16 -22.08
N GLU A 116 -7.71 -27.33 -21.52
CA GLU A 116 -8.76 -27.56 -20.52
C GLU A 116 -8.17 -27.69 -19.14
N PHE A 117 -8.76 -26.98 -18.17
CA PHE A 117 -8.21 -26.90 -16.82
C PHE A 117 -9.26 -26.98 -15.73
N ALA A 118 -8.82 -27.41 -14.54
CA ALA A 118 -9.65 -27.48 -13.35
C ALA A 118 -8.89 -26.96 -12.13
N GLY A 119 -9.57 -26.12 -11.35
CA GLY A 119 -8.98 -25.56 -10.13
C GLY A 119 -9.94 -25.46 -8.96
N TRP A 120 -9.41 -25.00 -7.83
CA TRP A 120 -10.16 -24.89 -6.59
C TRP A 120 -10.57 -23.45 -6.28
N LEU A 121 -11.69 -23.30 -5.59
CA LEU A 121 -12.18 -21.98 -5.17
C LEU A 121 -11.95 -21.72 -3.68
N ASN A 122 -11.43 -22.72 -2.97
CA ASN A 122 -11.29 -22.70 -1.51
C ASN A 122 -9.87 -22.51 -1.01
N GLY A 123 -9.76 -22.11 0.25
CA GLY A 123 -8.49 -22.03 0.97
C GLY A 123 -7.51 -20.99 0.47
N SER A 124 -8.02 -19.96 -0.20
CA SER A 124 -7.15 -18.94 -0.80
C SER A 124 -7.88 -17.66 -1.16
N LEU A 125 -7.13 -16.56 -1.17
CA LEU A 125 -7.67 -15.28 -1.56
C LEU A 125 -7.07 -14.77 -2.87
N VAL A 126 -6.36 -15.65 -3.57
CA VAL A 126 -5.79 -15.31 -4.88
C VAL A 126 -6.25 -16.29 -5.96
N GLY A 127 -6.15 -15.84 -7.21
CA GLY A 127 -6.70 -16.59 -8.32
C GLY A 127 -8.20 -16.36 -8.36
N PHE A 128 -8.93 -17.42 -8.68
CA PHE A 128 -10.37 -17.42 -8.72
C PHE A 128 -10.84 -18.15 -7.47
N TYR A 129 -11.66 -17.49 -6.66
CA TYR A 129 -12.02 -18.04 -5.36
C TYR A 129 -13.42 -17.64 -4.93
N ARG A 130 -13.95 -18.36 -3.95
CA ARG A 130 -15.29 -18.13 -3.43
C ARG A 130 -15.22 -17.77 -1.96
N THR A 131 -16.10 -16.87 -1.54
CA THR A 131 -16.26 -16.55 -0.12
C THR A 131 -17.73 -16.32 0.21
N THR A 132 -18.07 -16.26 1.49
CA THR A 132 -19.46 -16.21 1.89
C THR A 132 -19.82 -14.99 2.73
N TYR A 133 -21.11 -14.71 2.81
CA TYR A 133 -21.62 -13.72 3.74
C TYR A 133 -23.03 -14.14 4.08
N THR A 134 -23.60 -13.48 5.09
CA THR A 134 -24.93 -13.81 5.58
C THR A 134 -25.91 -12.72 5.22
N GLU A 135 -27.06 -13.12 4.72
CA GLU A 135 -28.13 -12.20 4.36
C GLU A 135 -29.45 -12.81 4.80
N ASN A 136 -30.20 -12.05 5.62
CA ASN A 136 -31.43 -12.55 6.22
C ASN A 136 -31.30 -13.96 6.78
N GLY A 137 -30.17 -14.24 7.44
CA GLY A 137 -29.89 -15.54 8.05
C GLY A 137 -29.40 -16.65 7.11
N ARG A 138 -29.39 -16.38 5.81
CA ARG A 138 -28.95 -17.34 4.82
C ARG A 138 -27.48 -17.10 4.45
N VAL A 139 -26.73 -18.19 4.28
CA VAL A 139 -25.36 -18.10 3.80
C VAL A 139 -25.34 -17.93 2.29
N LYS A 140 -24.77 -16.84 1.82
CA LYS A 140 -24.70 -16.59 0.38
C LYS A 140 -23.27 -16.69 -0.10
N SER A 141 -23.09 -16.89 -1.40
CA SER A 141 -21.76 -17.02 -1.98
C SER A 141 -21.48 -15.91 -2.98
N ILE A 142 -20.20 -15.57 -3.10
CA ILE A 142 -19.73 -14.70 -4.16
C ILE A 142 -18.36 -15.20 -4.59
N ALA A 143 -18.11 -15.20 -5.89
CA ALA A 143 -16.81 -15.64 -6.39
C ALA A 143 -16.19 -14.52 -7.19
N ALA A 144 -14.90 -14.34 -7.01
CA ALA A 144 -14.18 -13.30 -7.72
C ALA A 144 -12.74 -13.73 -7.98
N THR A 145 -12.02 -12.92 -8.74
CA THR A 145 -10.59 -13.14 -8.95
C THR A 145 -9.73 -12.02 -8.35
N ASP A 146 -8.47 -12.35 -8.11
CA ASP A 146 -7.47 -11.36 -7.74
C ASP A 146 -6.13 -11.88 -8.21
N HIS A 147 -5.44 -11.12 -9.05
CA HIS A 147 -4.28 -11.63 -9.78
C HIS A 147 -2.95 -10.94 -9.52
N GLU A 148 -2.96 -9.65 -9.18
CA GLU A 148 -1.70 -8.90 -9.08
C GLU A 148 -0.81 -9.42 -7.95
N PRO A 149 0.46 -9.76 -8.25
CA PRO A 149 1.14 -9.67 -9.55
C PRO A 149 1.14 -10.93 -10.40
N THR A 150 1.38 -12.09 -9.79
CA THR A 150 1.53 -13.33 -10.56
C THR A 150 0.50 -14.41 -10.18
N ASP A 151 -0.77 -14.04 -10.14
CA ASP A 151 -1.82 -15.00 -9.76
C ASP A 151 -2.86 -15.30 -10.85
N ALA A 152 -2.80 -14.56 -11.96
CA ALA A 152 -3.66 -14.88 -13.10
C ALA A 152 -3.43 -16.34 -13.51
N ARG A 153 -2.18 -16.76 -13.41
CA ARG A 153 -1.78 -18.13 -13.73
C ARG A 153 -2.40 -19.20 -12.82
N LYS A 154 -2.98 -18.79 -11.70
CA LYS A 154 -3.72 -19.73 -10.86
C LYS A 154 -5.15 -19.85 -11.37
N SER A 155 -5.75 -18.73 -11.73
CA SER A 155 -7.09 -18.72 -12.30
C SER A 155 -7.14 -19.55 -13.58
N PHE A 156 -6.31 -19.20 -14.57
CA PHE A 156 -6.32 -19.89 -15.85
C PHE A 156 -4.91 -19.85 -16.47
N PRO A 157 -4.58 -20.85 -17.32
CA PRO A 157 -3.28 -20.82 -17.98
C PRO A 157 -3.14 -19.58 -18.89
N CYS A 158 -2.04 -18.84 -18.73
CA CYS A 158 -1.81 -17.63 -19.53
C CYS A 158 -0.34 -17.19 -19.57
N PHE A 159 -0.06 -16.21 -20.43
CA PHE A 159 1.27 -15.61 -20.51
C PHE A 159 1.35 -14.52 -19.46
N ASP A 160 1.65 -14.93 -18.23
CA ASP A 160 1.43 -14.09 -17.06
C ASP A 160 2.54 -13.06 -16.83
N GLU A 161 2.76 -12.20 -17.84
CA GLU A 161 3.73 -11.09 -17.75
C GLU A 161 3.10 -9.79 -18.22
N PRO A 162 3.28 -8.69 -17.45
CA PRO A 162 2.64 -7.41 -17.69
C PRO A 162 2.76 -6.88 -19.13
N ASN A 163 3.88 -7.18 -19.80
CA ASN A 163 4.07 -6.75 -21.18
C ASN A 163 3.47 -7.67 -22.25
N LYS A 164 2.94 -8.82 -21.84
CA LYS A 164 2.29 -9.73 -22.80
C LYS A 164 0.80 -9.41 -22.94
N LYS A 165 0.51 -8.16 -23.29
CA LYS A 165 -0.85 -7.67 -23.42
C LYS A 165 -1.56 -8.37 -24.56
N ALA A 166 -2.77 -8.83 -24.27
CA ALA A 166 -3.63 -9.43 -25.28
C ALA A 166 -5.04 -8.86 -25.12
N THR A 167 -5.89 -9.20 -26.08
CA THR A 167 -7.30 -8.80 -25.99
C THR A 167 -8.15 -9.97 -25.44
N TYR A 168 -9.22 -9.64 -24.74
CA TYR A 168 -10.00 -10.65 -24.01
C TYR A 168 -11.48 -10.65 -24.35
N THR A 169 -12.00 -11.85 -24.58
CA THR A 169 -13.45 -12.08 -24.57
C THR A 169 -13.76 -13.21 -23.62
N ILE A 170 -14.42 -12.86 -22.53
CA ILE A 170 -14.66 -13.77 -21.42
C ILE A 170 -16.12 -14.22 -21.41
N SER A 171 -16.32 -15.51 -21.09
CA SER A 171 -17.65 -16.06 -20.85
C SER A 171 -17.67 -16.91 -19.59
N ILE A 172 -18.81 -16.92 -18.90
CA ILE A 172 -18.95 -17.63 -17.64
C ILE A 172 -20.28 -18.36 -17.65
N THR A 173 -20.25 -19.64 -17.28
CA THR A 173 -21.46 -20.43 -17.09
C THR A 173 -21.70 -20.57 -15.59
N HIS A 174 -22.85 -20.03 -15.14
CA HIS A 174 -23.15 -19.90 -13.70
C HIS A 174 -24.61 -20.21 -13.43
N PRO A 175 -24.97 -20.56 -12.18
CA PRO A 175 -26.40 -20.72 -11.88
C PRO A 175 -27.17 -19.42 -12.10
N LYS A 176 -28.42 -19.53 -12.54
CA LYS A 176 -29.20 -18.35 -12.97
C LYS A 176 -29.51 -17.31 -11.87
N GLU A 177 -29.60 -17.73 -10.61
CA GLU A 177 -29.81 -16.81 -9.49
C GLU A 177 -28.67 -15.78 -9.42
N TYR A 178 -27.53 -16.12 -10.00
CA TYR A 178 -26.34 -15.26 -9.94
C TYR A 178 -26.23 -14.37 -11.16
N GLY A 179 -25.69 -13.17 -10.93
CA GLY A 179 -25.27 -12.30 -12.02
C GLY A 179 -23.79 -12.53 -12.23
N ALA A 180 -23.28 -12.11 -13.38
CA ALA A 180 -21.86 -12.21 -13.67
C ALA A 180 -21.30 -10.88 -14.13
N LEU A 181 -20.12 -10.55 -13.62
CA LEU A 181 -19.42 -9.34 -13.98
C LEU A 181 -18.02 -9.66 -14.49
N SER A 182 -17.52 -8.80 -15.38
CA SER A 182 -16.13 -8.82 -15.81
C SER A 182 -15.68 -7.41 -16.15
N ASN A 183 -14.50 -7.32 -16.77
CA ASN A 183 -13.93 -6.06 -17.24
C ASN A 183 -14.87 -5.29 -18.17
N MET A 184 -15.49 -5.99 -19.10
CA MET A 184 -16.35 -5.37 -20.12
C MET A 184 -17.84 -5.50 -19.77
N PRO A 185 -18.72 -4.77 -20.50
CA PRO A 185 -20.15 -5.01 -20.29
C PRO A 185 -20.55 -6.38 -20.83
N VAL A 186 -21.72 -6.85 -20.38
CA VAL A 186 -22.36 -8.05 -20.92
C VAL A 186 -22.69 -7.85 -22.39
N ALA A 187 -22.33 -8.82 -23.22
CA ALA A 187 -22.72 -8.83 -24.63
C ALA A 187 -23.98 -9.67 -24.83
N LYS A 188 -23.96 -10.91 -24.35
CA LYS A 188 -25.13 -11.79 -24.45
C LYS A 188 -25.26 -12.80 -23.30
N GLU A 189 -26.50 -13.09 -22.94
CA GLU A 189 -26.83 -14.08 -21.91
C GLU A 189 -27.69 -15.17 -22.52
N GLU A 190 -27.22 -16.41 -22.45
CA GLU A 190 -27.94 -17.55 -23.03
C GLU A 190 -28.18 -18.66 -22.01
N SER A 191 -29.39 -19.22 -22.01
CA SER A 191 -29.77 -20.31 -21.10
C SER A 191 -29.11 -21.61 -21.51
N VAL A 192 -28.45 -22.26 -20.55
CA VAL A 192 -27.87 -23.59 -20.79
C VAL A 192 -28.91 -24.64 -20.43
N ASP A 193 -29.23 -24.75 -19.13
CA ASP A 193 -30.37 -25.52 -18.65
C ASP A 193 -31.44 -24.51 -18.28
N ASP A 194 -32.49 -24.98 -17.63
CA ASP A 194 -33.37 -24.06 -16.91
C ASP A 194 -32.75 -23.68 -15.56
N LYS A 195 -31.52 -24.12 -15.32
CA LYS A 195 -30.78 -23.81 -14.09
C LYS A 195 -29.51 -22.97 -14.31
N TRP A 196 -28.86 -23.16 -15.45
CA TRP A 196 -27.60 -22.45 -15.70
C TRP A 196 -27.73 -21.37 -16.79
N THR A 197 -26.92 -20.32 -16.65
CA THR A 197 -26.86 -19.22 -17.62
C THR A 197 -25.43 -19.02 -18.07
N ARG A 198 -25.25 -18.72 -19.35
CA ARG A 198 -23.93 -18.42 -19.89
C ARG A 198 -23.86 -16.94 -20.29
N THR A 199 -23.07 -16.18 -19.53
CA THR A 199 -22.90 -14.75 -19.74
C THR A 199 -21.63 -14.54 -20.55
N THR A 200 -21.76 -13.92 -21.72
CA THR A 200 -20.61 -13.59 -22.56
C THR A 200 -20.38 -12.08 -22.58
N PHE A 201 -19.15 -11.66 -22.33
CA PHE A 201 -18.81 -10.23 -22.32
C PHE A 201 -18.19 -9.81 -23.66
N GLU A 202 -18.41 -8.54 -24.04
CA GLU A 202 -17.86 -8.02 -25.30
C GLU A 202 -16.34 -7.88 -25.26
N LYS A 203 -15.71 -7.82 -26.43
CA LYS A 203 -14.25 -7.88 -26.52
C LYS A 203 -13.59 -6.72 -25.79
N SER A 204 -12.50 -7.04 -25.07
CA SER A 204 -11.76 -6.04 -24.34
C SER A 204 -10.76 -5.34 -25.24
N VAL A 205 -10.34 -4.15 -24.85
CA VAL A 205 -9.14 -3.53 -25.40
C VAL A 205 -7.94 -4.37 -24.95
N PRO A 206 -6.79 -4.23 -25.62
CA PRO A 206 -5.58 -4.92 -25.15
C PRO A 206 -5.26 -4.60 -23.67
N MET A 207 -4.95 -5.63 -22.89
CA MET A 207 -4.65 -5.48 -21.46
C MET A 207 -3.76 -6.59 -20.92
N SER A 208 -3.13 -6.33 -19.77
CA SER A 208 -2.27 -7.31 -19.10
C SER A 208 -3.09 -8.35 -18.33
N THR A 209 -2.51 -9.54 -18.17
CA THR A 209 -3.19 -10.63 -17.47
C THR A 209 -3.61 -10.25 -16.05
N TYR A 210 -2.75 -9.57 -15.31
CA TYR A 210 -3.06 -9.22 -13.92
C TYR A 210 -4.29 -8.33 -13.79
N LEU A 211 -4.72 -7.71 -14.89
CA LEU A 211 -5.89 -6.84 -14.87
C LEU A 211 -7.19 -7.55 -15.16
N VAL A 212 -7.09 -8.79 -15.64
CA VAL A 212 -8.25 -9.60 -16.02
C VAL A 212 -9.06 -10.02 -14.80
N CYS A 213 -10.37 -9.80 -14.85
CA CYS A 213 -11.22 -10.02 -13.68
C CYS A 213 -12.63 -10.46 -14.03
N PHE A 214 -13.13 -11.43 -13.28
CA PHE A 214 -14.54 -11.82 -13.36
C PHE A 214 -15.08 -12.17 -11.98
N ALA A 215 -16.40 -12.09 -11.85
CA ALA A 215 -17.07 -12.33 -10.57
C ALA A 215 -18.48 -12.88 -10.77
N VAL A 216 -18.91 -13.73 -9.84
CA VAL A 216 -20.25 -14.25 -9.82
C VAL A 216 -20.85 -13.83 -8.48
N HIS A 217 -21.97 -13.10 -8.54
CA HIS A 217 -22.49 -12.43 -7.34
C HIS A 217 -24.00 -12.32 -7.34
N GLN A 218 -24.56 -12.02 -6.17
CA GLN A 218 -25.98 -11.69 -6.01
C GLN A 218 -26.12 -10.35 -5.30
N PHE A 219 -25.28 -9.38 -5.68
CA PHE A 219 -25.24 -8.05 -5.06
C PHE A 219 -26.25 -7.09 -5.69
N ASP A 220 -26.69 -6.13 -4.89
CA ASP A 220 -27.47 -5.00 -5.38
C ASP A 220 -26.50 -3.97 -5.94
N SER A 221 -27.00 -2.81 -6.36
CA SER A 221 -26.15 -1.78 -6.96
C SER A 221 -26.64 -0.37 -6.69
N VAL A 222 -25.66 0.53 -6.54
CA VAL A 222 -25.90 1.96 -6.48
C VAL A 222 -25.24 2.51 -7.73
N LYS A 223 -25.94 3.41 -8.42
CA LYS A 223 -25.60 3.79 -9.79
C LYS A 223 -25.32 5.28 -9.94
N ARG A 224 -24.39 5.61 -10.84
CA ARG A 224 -24.13 6.98 -11.24
C ARG A 224 -23.75 7.08 -12.71
N ILE A 225 -23.91 8.27 -13.28
CA ILE A 225 -23.57 8.48 -14.68
C ILE A 225 -22.56 9.62 -14.81
N SER A 226 -21.40 9.30 -15.40
CA SER A 226 -20.33 10.26 -15.65
C SER A 226 -20.76 11.33 -16.66
N ASN A 227 -19.94 12.38 -16.78
CA ASN A 227 -20.13 13.39 -17.81
C ASN A 227 -19.96 12.80 -19.21
N SER A 228 -19.21 11.71 -19.31
CA SER A 228 -19.03 10.96 -20.56
C SER A 228 -20.33 10.30 -21.00
N GLY A 229 -21.24 10.09 -20.07
CA GLY A 229 -22.49 9.35 -20.33
C GLY A 229 -22.34 7.85 -20.10
N LYS A 230 -21.25 7.46 -19.45
CA LYS A 230 -20.96 6.07 -19.15
C LYS A 230 -21.45 5.70 -17.76
N PRO A 231 -21.98 4.46 -17.58
CA PRO A 231 -22.44 4.05 -16.26
C PRO A 231 -21.31 3.76 -15.26
N LEU A 232 -21.43 4.33 -14.07
CA LEU A 232 -20.51 4.07 -12.97
C LEU A 232 -21.32 3.50 -11.81
N THR A 233 -21.19 2.20 -11.59
CA THR A 233 -21.97 1.54 -10.54
C THR A 233 -21.10 0.82 -9.51
N ILE A 234 -21.57 0.85 -8.27
CA ILE A 234 -20.93 0.16 -7.18
C ILE A 234 -21.86 -0.97 -6.76
N TYR A 235 -21.35 -2.20 -6.82
CA TYR A 235 -22.11 -3.36 -6.38
C TYR A 235 -21.89 -3.57 -4.89
N VAL A 236 -22.97 -3.87 -4.18
CA VAL A 236 -22.98 -3.89 -2.71
C VAL A 236 -24.08 -4.83 -2.20
N GLN A 237 -23.83 -5.50 -1.07
CA GLN A 237 -24.85 -6.32 -0.42
C GLN A 237 -26.07 -5.45 -0.10
N PRO A 238 -27.28 -5.97 -0.38
CA PRO A 238 -28.51 -5.21 -0.09
C PRO A 238 -28.54 -4.61 1.33
N GLU A 239 -28.15 -5.39 2.33
CA GLU A 239 -28.00 -4.93 3.71
C GLU A 239 -27.14 -3.68 3.84
N GLN A 240 -26.09 -3.61 3.02
CA GLN A 240 -25.09 -2.56 3.12
C GLN A 240 -25.30 -1.45 2.08
N LYS A 241 -26.42 -1.49 1.36
CA LYS A 241 -26.62 -0.61 0.20
C LYS A 241 -26.41 0.87 0.51
N HIS A 242 -26.90 1.29 1.68
CA HIS A 242 -26.82 2.70 2.08
C HIS A 242 -25.39 3.19 2.26
N THR A 243 -24.46 2.26 2.49
CA THR A 243 -23.08 2.62 2.74
C THR A 243 -22.24 2.72 1.47
N ALA A 244 -22.86 2.53 0.31
CA ALA A 244 -22.17 2.66 -0.98
C ALA A 244 -22.30 4.06 -1.55
N GLU A 245 -23.18 4.86 -0.96
CA GLU A 245 -23.49 6.21 -1.43
C GLU A 245 -22.28 7.13 -1.57
N TYR A 246 -21.45 7.22 -0.53
CA TYR A 246 -20.31 8.13 -0.56
C TYR A 246 -19.32 7.74 -1.64
N ALA A 247 -18.99 6.45 -1.73
CA ALA A 247 -18.07 5.96 -2.74
C ALA A 247 -18.59 6.27 -4.13
N ALA A 248 -19.92 6.24 -4.27
CA ALA A 248 -20.58 6.53 -5.54
C ALA A 248 -20.34 7.98 -5.92
N ASN A 249 -20.46 8.87 -4.93
CA ASN A 249 -20.19 10.29 -5.12
C ASN A 249 -18.74 10.53 -5.53
N ILE A 250 -17.79 9.97 -4.79
CA ILE A 250 -16.37 10.21 -5.08
C ILE A 250 -15.97 9.67 -6.45
N THR A 251 -16.46 8.49 -6.80
CA THR A 251 -16.18 7.88 -8.11
C THR A 251 -16.60 8.83 -9.23
N LYS A 252 -17.83 9.34 -9.13
CA LYS A 252 -18.36 10.32 -10.08
C LYS A 252 -17.41 11.52 -10.22
N SER A 253 -17.15 12.16 -9.09
CA SER A 253 -16.40 13.40 -9.04
C SER A 253 -14.96 13.22 -9.53
N VAL A 254 -14.30 12.17 -9.04
CA VAL A 254 -12.89 11.93 -9.36
C VAL A 254 -12.73 11.38 -10.78
N PHE A 255 -13.66 10.54 -11.22
CA PHE A 255 -13.69 10.07 -12.61
C PHE A 255 -13.76 11.26 -13.59
N ASP A 256 -14.73 12.15 -13.37
CA ASP A 256 -14.90 13.35 -14.20
C ASP A 256 -13.66 14.25 -14.19
N TYR A 257 -13.03 14.37 -13.02
CA TYR A 257 -11.85 15.22 -12.86
C TYR A 257 -10.64 14.67 -13.62
N PHE A 258 -10.39 13.36 -13.47
CA PHE A 258 -9.21 12.74 -14.10
C PHE A 258 -9.28 12.69 -15.63
N GLU A 259 -10.45 12.34 -16.16
CA GLU A 259 -10.63 12.32 -17.61
C GLU A 259 -10.28 13.68 -18.21
N GLU A 260 -10.69 14.74 -17.52
CA GLU A 260 -10.41 16.11 -17.91
C GLU A 260 -8.93 16.49 -17.67
N TYR A 261 -8.35 16.04 -16.54
CA TYR A 261 -6.95 16.36 -16.22
C TYR A 261 -5.96 15.67 -17.16
N PHE A 262 -6.21 14.40 -17.47
CA PHE A 262 -5.28 13.62 -18.29
C PHE A 262 -5.54 13.79 -19.78
N ALA A 263 -6.55 14.60 -20.11
CA ALA A 263 -6.95 14.88 -21.49
C ALA A 263 -7.17 13.61 -22.32
N MET A 264 -7.69 12.56 -21.67
CA MET A 264 -7.90 11.29 -22.31
C MET A 264 -9.13 10.58 -21.79
N ASN A 265 -9.90 10.01 -22.71
CA ASN A 265 -11.08 9.23 -22.41
C ASN A 265 -10.73 7.91 -21.71
N TYR A 266 -11.51 7.58 -20.69
CA TYR A 266 -11.53 6.25 -20.10
C TYR A 266 -11.84 5.25 -21.21
N SER A 267 -10.99 4.26 -21.36
CA SER A 267 -10.98 3.39 -22.53
C SER A 267 -12.14 2.40 -22.64
N LEU A 268 -12.92 2.26 -21.58
CA LEU A 268 -14.00 1.26 -21.54
C LEU A 268 -15.41 1.89 -21.47
N PRO A 269 -16.46 1.13 -21.84
CA PRO A 269 -17.82 1.70 -21.85
C PRO A 269 -18.47 1.81 -20.47
N LYS A 270 -17.94 1.07 -19.49
CA LYS A 270 -18.48 1.12 -18.14
C LYS A 270 -17.39 0.92 -17.10
N LEU A 271 -17.69 1.30 -15.87
CA LEU A 271 -16.81 1.08 -14.73
C LEU A 271 -17.61 0.56 -13.54
N ASP A 272 -17.15 -0.55 -12.98
CA ASP A 272 -17.78 -1.19 -11.83
C ASP A 272 -16.84 -1.22 -10.65
N LYS A 273 -17.42 -1.09 -9.46
CA LYS A 273 -16.70 -1.28 -8.20
C LYS A 273 -17.47 -2.27 -7.32
N ILE A 274 -16.73 -3.15 -6.67
CA ILE A 274 -17.34 -4.17 -5.82
C ILE A 274 -16.38 -4.53 -4.68
N ALA A 275 -16.94 -4.70 -3.48
CA ALA A 275 -16.14 -5.11 -2.33
C ALA A 275 -16.39 -6.57 -2.03
N ILE A 276 -15.33 -7.38 -2.08
CA ILE A 276 -15.43 -8.81 -1.78
C ILE A 276 -15.41 -8.99 -0.27
N PRO A 277 -16.37 -9.76 0.28
CA PRO A 277 -16.48 -9.90 1.75
C PRO A 277 -15.19 -10.37 2.43
N ASP A 278 -14.33 -11.06 1.69
CA ASP A 278 -13.01 -11.47 2.18
C ASP A 278 -12.04 -11.21 1.04
N PHE A 279 -11.16 -10.23 1.21
CA PHE A 279 -10.32 -9.75 0.12
C PHE A 279 -8.90 -9.45 0.60
N GLY A 280 -7.92 -10.01 -0.09
CA GLY A 280 -6.52 -10.05 0.35
C GLY A 280 -5.68 -8.79 0.33
N THR A 281 -5.98 -7.84 -0.55
CA THR A 281 -5.33 -6.52 -0.49
C THR A 281 -6.33 -5.42 -0.21
N GLY A 282 -5.86 -4.19 -0.28
CA GLY A 282 -6.71 -3.05 -0.02
C GLY A 282 -7.77 -2.88 -1.10
N ALA A 283 -7.34 -3.02 -2.34
CA ALA A 283 -8.18 -2.81 -3.51
C ALA A 283 -7.38 -3.17 -4.75
N MET A 284 -8.08 -3.47 -5.84
CA MET A 284 -7.43 -3.88 -7.07
C MET A 284 -8.04 -3.18 -8.29
N GLU A 285 -7.18 -2.65 -9.14
CA GLU A 285 -7.59 -1.77 -10.23
C GLU A 285 -7.98 -2.49 -11.53
N ASN A 286 -8.51 -3.70 -11.41
CA ASN A 286 -8.99 -4.43 -12.57
C ASN A 286 -9.82 -3.49 -13.45
N TRP A 287 -9.36 -3.28 -14.68
CA TRP A 287 -9.98 -2.35 -15.62
C TRP A 287 -11.49 -2.56 -15.69
N GLY A 288 -12.25 -1.52 -15.33
CA GLY A 288 -13.72 -1.57 -15.39
C GLY A 288 -14.41 -2.36 -14.30
N LEU A 289 -13.65 -3.08 -13.47
CA LEU A 289 -14.20 -3.88 -12.40
C LEU A 289 -13.22 -3.89 -11.23
N ILE A 290 -13.30 -2.83 -10.45
CA ILE A 290 -12.36 -2.58 -9.38
C ILE A 290 -12.89 -3.27 -8.13
N THR A 291 -12.06 -4.12 -7.55
CA THR A 291 -12.40 -4.86 -6.35
C THR A 291 -11.84 -4.17 -5.10
N TYR A 292 -12.57 -4.29 -3.99
CA TYR A 292 -12.24 -3.61 -2.75
C TYR A 292 -12.34 -4.50 -1.54
N ARG A 293 -11.55 -4.19 -0.53
CA ARG A 293 -11.83 -4.60 0.84
C ARG A 293 -12.92 -3.64 1.35
N GLU A 294 -13.89 -4.16 2.10
CA GLU A 294 -15.04 -3.35 2.51
C GLU A 294 -14.68 -2.06 3.25
N THR A 295 -13.65 -2.10 4.09
CA THR A 295 -13.19 -0.93 4.84
C THR A 295 -12.72 0.21 3.92
N ASN A 296 -12.36 -0.12 2.68
CA ASN A 296 -11.82 0.85 1.73
C ASN A 296 -12.84 1.37 0.72
N LEU A 297 -14.09 0.92 0.85
CA LEU A 297 -15.16 1.29 -0.07
C LEU A 297 -16.46 1.70 0.63
N LEU A 298 -16.79 1.07 1.73
CA LEU A 298 -18.11 1.26 2.32
C LEU A 298 -18.06 2.12 3.58
N TYR A 299 -18.86 3.19 3.57
CA TYR A 299 -18.78 4.26 4.54
C TYR A 299 -20.17 4.65 5.02
N ASP A 300 -20.34 4.75 6.33
CA ASP A 300 -21.59 5.19 6.91
C ASP A 300 -21.39 6.49 7.65
N PRO A 301 -22.02 7.58 7.18
CA PRO A 301 -21.82 8.88 7.82
C PRO A 301 -22.28 8.87 9.28
N LYS A 302 -23.17 7.94 9.62
CA LYS A 302 -23.73 7.85 10.96
C LYS A 302 -22.88 7.01 11.92
N GLU A 303 -21.93 6.25 11.36
CA GLU A 303 -21.14 5.27 12.14
C GLU A 303 -19.64 5.34 11.88
N SER A 304 -19.26 5.80 10.70
CA SER A 304 -17.85 5.84 10.29
C SER A 304 -17.18 7.16 10.64
N ALA A 305 -15.87 7.09 10.86
CA ALA A 305 -15.07 8.27 11.22
C ALA A 305 -14.60 9.05 9.99
N SER A 306 -14.13 10.28 10.22
CA SER A 306 -13.60 11.14 9.17
C SER A 306 -12.36 10.50 8.56
N SER A 307 -11.59 9.86 9.43
CA SER A 307 -10.51 8.99 9.03
C SER A 307 -10.95 7.96 7.98
N ASN A 308 -12.07 7.29 8.24
CA ASN A 308 -12.62 6.30 7.31
C ASN A 308 -13.04 6.95 5.99
N GLN A 309 -13.71 8.10 6.11
CA GLN A 309 -14.19 8.85 4.97
C GLN A 309 -13.05 9.18 4.01
N GLN A 310 -11.95 9.67 4.58
CA GLN A 310 -10.77 10.05 3.80
C GLN A 310 -10.12 8.83 3.16
N ARG A 311 -10.09 7.74 3.91
CA ARG A 311 -9.54 6.48 3.42
C ARG A 311 -10.31 5.99 2.19
N VAL A 312 -11.64 5.98 2.28
CA VAL A 312 -12.51 5.56 1.16
C VAL A 312 -12.25 6.48 -0.03
N ALA A 313 -12.26 7.78 0.22
CA ALA A 313 -12.04 8.76 -0.84
C ALA A 313 -10.69 8.55 -1.53
N THR A 314 -9.65 8.32 -0.74
N THR A 314 -9.64 8.34 -0.75
CA THR A 314 -8.29 8.19 -1.25
CA THR A 314 -8.28 8.19 -1.30
C THR A 314 -8.05 6.91 -2.05
C THR A 314 -8.09 6.90 -2.08
N VAL A 315 -8.58 5.79 -1.55
CA VAL A 315 -8.44 4.49 -2.23
C VAL A 315 -9.23 4.48 -3.53
N VAL A 316 -10.46 5.01 -3.50
CA VAL A 316 -11.24 5.15 -4.72
C VAL A 316 -10.48 5.98 -5.75
N ALA A 317 -9.96 7.13 -5.32
CA ALA A 317 -9.19 7.99 -6.21
C ALA A 317 -7.96 7.25 -6.76
N HIS A 318 -7.23 6.58 -5.86
CA HIS A 318 -6.06 5.77 -6.22
C HIS A 318 -6.43 4.78 -7.32
N GLU A 319 -7.53 4.08 -7.13
CA GLU A 319 -7.97 3.06 -8.07
C GLU A 319 -8.34 3.65 -9.41
N LEU A 320 -8.87 4.87 -9.40
CA LEU A 320 -9.22 5.54 -10.64
C LEU A 320 -7.97 5.94 -11.42
N VAL A 321 -6.97 6.46 -10.73
CA VAL A 321 -5.73 6.86 -11.40
C VAL A 321 -5.21 5.71 -12.26
N HIS A 322 -5.32 4.50 -11.74
CA HIS A 322 -4.79 3.33 -12.40
C HIS A 322 -5.44 3.07 -13.75
N GLN A 323 -6.67 3.53 -13.90
CA GLN A 323 -7.40 3.34 -15.15
C GLN A 323 -6.64 4.02 -16.29
N TRP A 324 -5.87 5.04 -15.93
CA TRP A 324 -4.95 5.68 -16.87
C TRP A 324 -3.54 5.16 -16.69
N PHE A 325 -2.96 5.42 -15.51
CA PHE A 325 -1.60 4.98 -15.22
C PHE A 325 -1.59 3.60 -14.59
N GLY A 326 -1.29 2.62 -15.44
CA GLY A 326 -1.36 1.21 -15.06
C GLY A 326 -2.16 0.44 -16.09
N ASN A 327 -3.37 0.91 -16.37
CA ASN A 327 -4.25 0.20 -17.29
C ASN A 327 -4.00 0.57 -18.75
N ILE A 328 -4.18 1.85 -19.10
CA ILE A 328 -3.90 2.34 -20.45
C ILE A 328 -2.40 2.18 -20.78
N VAL A 329 -1.55 2.75 -19.93
CA VAL A 329 -0.10 2.57 -20.02
C VAL A 329 0.37 1.74 -18.83
N THR A 330 1.06 0.64 -19.13
CA THR A 330 1.52 -0.32 -18.11
C THR A 330 3.03 -0.31 -18.12
N MET A 331 3.66 -0.66 -16.99
CA MET A 331 5.12 -0.84 -16.98
C MET A 331 5.49 -2.05 -17.85
N ASP A 332 6.69 -1.99 -18.45
CA ASP A 332 7.18 -3.11 -19.26
C ASP A 332 7.47 -4.31 -18.37
N TRP A 333 8.14 -4.06 -17.25
CA TRP A 333 8.48 -5.10 -16.30
C TRP A 333 8.32 -4.57 -14.88
N TRP A 334 8.15 -5.47 -13.92
CA TRP A 334 7.89 -5.11 -12.52
C TRP A 334 8.95 -4.22 -11.88
N GLU A 335 10.14 -4.19 -12.48
CA GLU A 335 11.19 -3.28 -12.02
C GLU A 335 10.72 -1.84 -12.08
N ASP A 336 9.85 -1.54 -13.04
CA ASP A 336 9.27 -0.20 -13.19
C ASP A 336 7.87 -0.08 -12.54
N LEU A 337 7.58 -0.92 -11.55
CA LEU A 337 6.27 -0.91 -10.86
C LEU A 337 5.83 0.49 -10.39
N TRP A 338 6.79 1.30 -9.96
CA TRP A 338 6.50 2.65 -9.45
C TRP A 338 5.77 3.53 -10.49
N LEU A 339 5.97 3.25 -11.79
CA LEU A 339 5.22 3.94 -12.85
C LEU A 339 3.71 3.76 -12.69
N ASN A 340 3.31 2.66 -12.07
CA ASN A 340 1.91 2.46 -11.74
C ASN A 340 1.61 3.04 -10.38
N GLU A 341 2.28 2.51 -9.36
CA GLU A 341 1.94 2.78 -7.97
C GLU A 341 2.30 4.17 -7.47
N GLY A 342 3.46 4.67 -7.87
CA GLY A 342 3.88 6.03 -7.53
C GLY A 342 2.90 7.05 -8.08
N PHE A 343 2.56 6.89 -9.35
CA PHE A 343 1.61 7.79 -10.03
C PHE A 343 0.24 7.75 -9.39
N ALA A 344 -0.25 6.55 -9.09
CA ALA A 344 -1.50 6.38 -8.38
C ALA A 344 -1.47 7.03 -7.00
N SER A 345 -0.38 6.78 -6.26
CA SER A 345 -0.18 7.36 -4.92
C SER A 345 -0.04 8.89 -4.96
N PHE A 346 0.40 9.44 -6.09
CA PHE A 346 0.49 10.89 -6.27
C PHE A 346 -0.85 11.52 -6.65
N PHE A 347 -1.42 11.06 -7.75
CA PHE A 347 -2.66 11.64 -8.26
C PHE A 347 -3.87 11.40 -7.35
N GLU A 348 -3.77 10.45 -6.43
CA GLU A 348 -4.85 10.19 -5.48
C GLU A 348 -5.17 11.45 -4.68
N PHE A 349 -4.13 12.21 -4.33
CA PHE A 349 -4.27 13.43 -3.56
C PHE A 349 -4.91 14.54 -4.35
N LEU A 350 -4.60 14.61 -5.64
CA LEU A 350 -5.21 15.59 -6.53
C LEU A 350 -6.68 15.25 -6.78
N GLY A 351 -6.97 13.96 -6.95
CA GLY A 351 -8.35 13.50 -7.10
C GLY A 351 -9.23 13.94 -5.96
N VAL A 352 -8.86 13.51 -4.75
CA VAL A 352 -9.66 13.79 -3.54
C VAL A 352 -9.70 15.30 -3.21
N ASN A 353 -8.58 15.98 -3.40
CA ASN A 353 -8.51 17.44 -3.26
C ASN A 353 -9.57 18.18 -4.11
N HIS A 354 -9.85 17.65 -5.30
CA HIS A 354 -10.92 18.17 -6.15
C HIS A 354 -12.30 17.90 -5.55
N ALA A 355 -12.47 16.69 -5.01
CA ALA A 355 -13.74 16.26 -4.46
C ALA A 355 -14.05 16.95 -3.14
N GLU A 356 -13.03 17.01 -2.27
CA GLU A 356 -13.17 17.59 -0.95
C GLU A 356 -12.15 18.70 -0.82
N THR A 357 -12.64 19.93 -0.87
CA THR A 357 -11.81 21.12 -1.01
C THR A 357 -11.12 21.60 0.27
N ASP A 358 -11.76 21.41 1.43
CA ASP A 358 -11.14 21.86 2.67
C ASP A 358 -10.43 20.75 3.49
N TRP A 359 -9.96 19.73 2.78
CA TRP A 359 -9.27 18.63 3.44
C TRP A 359 -7.77 18.85 3.51
N GLN A 360 -7.29 19.90 2.83
CA GLN A 360 -5.85 20.22 2.81
C GLN A 360 -5.02 19.02 2.35
N MET A 361 -5.51 18.33 1.33
CA MET A 361 -4.94 17.05 0.91
C MET A 361 -3.49 17.12 0.47
N ARG A 362 -3.15 18.14 -0.32
CA ARG A 362 -1.77 18.34 -0.76
C ARG A 362 -0.82 18.42 0.42
N ASP A 363 -1.23 19.10 1.48
CA ASP A 363 -0.44 19.13 2.71
C ASP A 363 -0.35 17.76 3.36
N GLN A 364 -1.45 17.00 3.31
CA GLN A 364 -1.48 15.68 3.93
C GLN A 364 -0.58 14.65 3.28
N MET A 365 -0.13 14.92 2.05
CA MET A 365 0.87 14.07 1.38
C MET A 365 2.11 13.91 2.27
N LEU A 366 2.45 14.97 3.01
CA LEU A 366 3.59 14.95 3.94
C LEU A 366 3.41 13.94 5.05
N LEU A 367 2.17 13.82 5.53
CA LEU A 367 1.85 12.88 6.61
C LEU A 367 1.66 11.46 6.11
N GLU A 368 1.16 11.31 4.89
CA GLU A 368 0.77 9.99 4.39
C GLU A 368 1.92 9.26 3.74
N ASP A 369 2.74 9.99 2.98
CA ASP A 369 3.76 9.37 2.13
C ASP A 369 5.18 9.88 2.35
N VAL A 370 5.38 11.19 2.27
CA VAL A 370 6.70 11.79 2.28
C VAL A 370 7.50 11.45 3.54
N LEU A 371 7.06 11.96 4.67
CA LEU A 371 7.80 11.81 5.92
C LEU A 371 7.91 10.35 6.42
N PRO A 372 6.81 9.57 6.33
CA PRO A 372 6.94 8.16 6.68
C PRO A 372 7.95 7.40 5.83
N VAL A 373 7.97 7.60 4.52
CA VAL A 373 8.96 6.89 3.69
C VAL A 373 10.41 7.42 3.83
N GLN A 374 10.59 8.65 4.31
CA GLN A 374 11.94 9.13 4.63
C GLN A 374 12.56 8.39 5.80
N GLU A 375 11.72 7.81 6.64
CA GLU A 375 12.18 6.86 7.66
C GLU A 375 12.65 5.55 6.98
N ASP A 376 11.79 4.95 6.15
CA ASP A 376 12.11 3.71 5.43
C ASP A 376 13.41 3.81 4.63
N ASP A 377 13.53 4.89 3.86
CA ASP A 377 14.58 5.02 2.87
C ASP A 377 15.89 5.50 3.47
N SER A 378 15.93 5.62 4.81
CA SER A 378 17.17 5.94 5.49
C SER A 378 17.84 4.67 6.04
N LEU A 379 17.30 3.50 5.71
CA LEU A 379 17.93 2.25 6.10
C LEU A 379 18.82 1.71 5.00
N MET A 380 19.87 0.99 5.40
CA MET A 380 20.74 0.26 4.47
C MET A 380 19.96 -0.78 3.67
N SER A 381 18.89 -1.28 4.25
CA SER A 381 18.13 -2.37 3.67
C SER A 381 16.91 -1.85 2.91
N SER A 382 17.00 -0.61 2.46
CA SER A 382 16.06 -0.05 1.51
C SER A 382 16.47 -0.57 0.13
N HIS A 383 15.82 -0.08 -0.91
CA HIS A 383 16.21 -0.45 -2.26
C HIS A 383 15.84 0.69 -3.20
N PRO A 384 16.53 0.79 -4.35
CA PRO A 384 16.19 1.85 -5.29
C PRO A 384 14.77 1.70 -5.83
N ILE A 385 14.21 2.81 -6.30
CA ILE A 385 12.89 2.81 -6.93
C ILE A 385 12.83 1.83 -8.10
N ILE A 386 13.87 1.80 -8.93
CA ILE A 386 13.96 0.82 -10.01
C ILE A 386 14.69 -0.44 -9.51
N VAL A 387 13.91 -1.52 -9.31
CA VAL A 387 14.34 -2.71 -8.57
C VAL A 387 14.49 -3.94 -9.43
N THR A 388 15.64 -4.61 -9.33
CA THR A 388 15.86 -5.91 -9.98
C THR A 388 15.07 -7.02 -9.28
N VAL A 389 14.15 -7.65 -10.01
CA VAL A 389 13.37 -8.77 -9.48
C VAL A 389 13.45 -10.01 -10.37
N THR A 390 13.68 -11.17 -9.74
CA THR A 390 13.93 -12.42 -10.47
C THR A 390 13.08 -13.62 -10.02
N THR A 391 12.20 -13.43 -9.03
CA THR A 391 11.25 -14.48 -8.62
C THR A 391 9.88 -13.86 -8.36
N PRO A 392 8.81 -14.68 -8.37
CA PRO A 392 7.49 -14.16 -7.95
C PRO A 392 7.49 -13.53 -6.54
N ASP A 393 8.28 -14.09 -5.62
CA ASP A 393 8.39 -13.55 -4.24
C ASP A 393 9.06 -12.17 -4.22
N GLU A 394 10.06 -11.98 -5.06
CA GLU A 394 10.70 -10.68 -5.19
C GLU A 394 9.78 -9.66 -5.83
N ILE A 395 9.05 -10.11 -6.84
CA ILE A 395 8.08 -9.28 -7.54
C ILE A 395 7.04 -8.73 -6.55
N THR A 396 6.46 -9.61 -5.75
CA THR A 396 5.41 -9.17 -4.85
C THR A 396 5.94 -8.27 -3.73
N SER A 397 7.19 -8.51 -3.33
CA SER A 397 7.85 -7.76 -2.25
C SER A 397 7.92 -6.25 -2.51
N VAL A 398 8.07 -5.88 -3.79
CA VAL A 398 8.29 -4.49 -4.15
C VAL A 398 7.00 -3.65 -4.21
N PHE A 399 5.86 -4.27 -3.90
CA PHE A 399 4.66 -3.49 -3.61
C PHE A 399 4.80 -2.91 -2.20
N ASP A 400 5.63 -1.88 -2.06
CA ASP A 400 6.06 -1.41 -0.74
C ASP A 400 6.13 0.12 -0.63
N GLY A 401 6.66 0.59 0.50
CA GLY A 401 6.79 2.02 0.75
C GLY A 401 7.55 2.74 -0.33
N ILE A 402 8.59 2.10 -0.86
CA ILE A 402 9.42 2.71 -1.89
C ILE A 402 8.62 2.97 -3.17
N SER A 403 7.97 1.93 -3.69
CA SER A 403 7.16 2.04 -4.90
C SER A 403 6.03 3.04 -4.76
N TYR A 404 5.28 2.95 -3.67
CA TYR A 404 4.14 3.83 -3.42
C TYR A 404 4.59 5.21 -2.94
N SER A 405 5.18 5.27 -1.76
CA SER A 405 5.41 6.54 -1.08
C SER A 405 6.58 7.34 -1.67
N LYS A 406 7.74 6.71 -1.82
CA LYS A 406 8.87 7.39 -2.43
C LYS A 406 8.57 7.74 -3.90
N GLY A 407 7.94 6.82 -4.61
CA GLY A 407 7.43 7.11 -5.96
C GLY A 407 6.60 8.37 -5.96
N SER A 408 5.61 8.44 -5.06
CA SER A 408 4.78 9.62 -4.88
C SER A 408 5.59 10.86 -4.51
N SER A 409 6.54 10.70 -3.60
CA SER A 409 7.30 11.84 -3.10
C SER A 409 8.17 12.48 -4.17
N ILE A 410 8.86 11.68 -4.97
CA ILE A 410 9.74 12.24 -6.00
C ILE A 410 9.00 12.84 -7.19
N LEU A 411 7.74 12.42 -7.41
CA LEU A 411 6.90 13.06 -8.43
C LEU A 411 6.45 14.41 -7.92
N ARG A 412 6.15 14.47 -6.63
CA ARG A 412 5.75 15.69 -5.95
C ARG A 412 6.84 16.76 -6.08
N MET A 413 8.09 16.37 -5.84
CA MET A 413 9.26 17.23 -6.04
C MET A 413 9.41 17.62 -7.51
N LEU A 414 9.25 16.63 -8.38
CA LEU A 414 9.38 16.80 -9.82
C LEU A 414 8.37 17.82 -10.33
N GLU A 415 7.11 17.66 -9.94
CA GLU A 415 6.04 18.58 -10.35
C GLU A 415 6.35 20.02 -9.97
N ASP A 416 6.78 20.22 -8.72
CA ASP A 416 7.08 21.53 -8.19
C ASP A 416 8.27 22.16 -8.90
N TRP A 417 9.28 21.34 -9.18
CA TRP A 417 10.48 21.76 -9.88
C TRP A 417 10.17 22.17 -11.30
N ILE A 418 9.35 21.36 -11.96
CA ILE A 418 9.09 21.48 -13.38
C ILE A 418 7.86 22.36 -13.64
N LYS A 419 7.16 22.71 -12.55
CA LYS A 419 5.90 23.45 -12.57
C LYS A 419 4.73 22.56 -12.99
N PRO A 420 3.61 22.64 -12.24
CA PRO A 420 2.42 21.80 -12.46
C PRO A 420 1.97 21.73 -13.92
N GLU A 421 1.80 22.89 -14.56
CA GLU A 421 1.30 22.98 -15.94
C GLU A 421 2.06 22.07 -16.89
N ASN A 422 3.40 22.18 -16.86
CA ASN A 422 4.26 21.39 -17.73
C ASN A 422 4.25 19.91 -17.36
N PHE A 423 4.19 19.64 -16.06
CA PHE A 423 4.08 18.27 -15.57
C PHE A 423 2.81 17.63 -16.09
N GLN A 424 1.71 18.38 -16.02
CA GLN A 424 0.41 17.95 -16.51
C GLN A 424 0.47 17.57 -17.99
N LYS A 425 0.95 18.51 -18.81
CA LYS A 425 1.12 18.30 -20.24
C LYS A 425 2.04 17.11 -20.55
N GLY A 426 3.15 17.02 -19.83
CA GLY A 426 4.10 15.91 -20.02
C GLY A 426 3.48 14.55 -19.78
N CYS A 427 2.63 14.45 -18.76
CA CYS A 427 1.91 13.22 -18.44
C CYS A 427 0.93 12.86 -19.56
N GLN A 428 0.25 13.87 -20.09
CA GLN A 428 -0.70 13.69 -21.19
C GLN A 428 -0.02 13.09 -22.41
N MET A 429 1.16 13.62 -22.75
CA MET A 429 1.91 13.18 -23.93
C MET A 429 2.38 11.73 -23.81
N TYR A 430 2.91 11.39 -22.64
CA TYR A 430 3.28 10.01 -22.28
C TYR A 430 2.09 9.07 -22.45
N LEU A 431 0.93 9.52 -21.98
CA LEU A 431 -0.31 8.75 -22.00
C LEU A 431 -0.82 8.55 -23.42
N GLU A 432 -0.60 9.56 -24.26
CA GLU A 432 -0.94 9.49 -25.68
C GLU A 432 -0.03 8.53 -26.44
N LYS A 433 1.26 8.57 -26.09
CA LYS A 433 2.31 7.89 -26.85
C LYS A 433 2.28 6.36 -26.67
N TYR A 434 2.14 5.92 -25.42
CA TYR A 434 2.23 4.50 -25.07
C TYR A 434 0.89 3.85 -24.77
N GLN A 435 -0.19 4.52 -25.16
CA GLN A 435 -1.55 4.01 -24.93
C GLN A 435 -1.69 2.57 -25.43
N PHE A 436 -2.16 1.69 -24.55
CA PHE A 436 -2.35 0.27 -24.85
C PHE A 436 -1.03 -0.44 -25.19
N LYS A 437 0.07 0.11 -24.71
CA LYS A 437 1.39 -0.52 -24.80
C LYS A 437 2.10 -0.37 -23.47
N ASN A 438 3.39 -0.71 -23.44
CA ASN A 438 4.16 -0.64 -22.21
C ASN A 438 5.31 0.34 -22.28
N ALA A 439 5.60 0.96 -21.13
CA ALA A 439 6.64 1.98 -21.03
C ALA A 439 7.66 1.60 -19.97
N LYS A 440 8.90 2.05 -20.18
CA LYS A 440 9.96 2.00 -19.19
C LYS A 440 10.05 3.36 -18.51
N THR A 441 10.78 3.45 -17.41
CA THR A 441 10.99 4.73 -16.75
C THR A 441 11.61 5.76 -17.70
N SER A 442 12.66 5.36 -18.42
CA SER A 442 13.33 6.22 -19.41
C SER A 442 12.38 6.91 -20.37
N ASP A 443 11.28 6.23 -20.69
CA ASP A 443 10.27 6.76 -21.59
C ASP A 443 9.52 7.93 -20.96
N PHE A 444 9.26 7.83 -19.65
CA PHE A 444 8.55 8.89 -18.95
C PHE A 444 9.38 10.16 -18.81
N TRP A 445 10.66 10.02 -18.51
CA TRP A 445 11.55 11.17 -18.42
C TRP A 445 11.54 11.92 -19.76
N ALA A 446 11.81 11.20 -20.84
CA ALA A 446 11.83 11.77 -22.20
C ALA A 446 10.54 12.53 -22.53
N ALA A 447 9.41 12.00 -22.05
CA ALA A 447 8.12 12.65 -22.24
C ALA A 447 8.05 14.00 -21.54
N LEU A 448 8.53 14.05 -20.29
CA LEU A 448 8.57 15.30 -19.53
C LEU A 448 9.70 16.23 -19.99
N GLU A 449 10.76 15.65 -20.55
CA GLU A 449 11.87 16.41 -21.09
C GLU A 449 11.42 17.13 -22.36
N GLU A 450 10.48 16.51 -23.07
CA GLU A 450 9.83 17.14 -24.23
C GLU A 450 8.89 18.27 -23.83
N ALA A 451 8.46 18.27 -22.57
CA ALA A 451 7.47 19.22 -22.10
C ALA A 451 8.04 20.39 -21.30
N SER A 452 9.30 20.28 -20.88
CA SER A 452 9.91 21.32 -20.06
C SER A 452 11.29 21.77 -20.55
N ARG A 453 11.95 20.90 -21.32
CA ARG A 453 13.31 21.13 -21.83
C ARG A 453 14.37 21.18 -20.72
N LEU A 454 13.93 20.97 -19.48
CA LEU A 454 14.82 20.84 -18.32
C LEU A 454 15.48 19.46 -18.37
N PRO A 455 16.65 19.30 -17.73
CA PRO A 455 17.33 17.99 -17.72
C PRO A 455 16.69 16.93 -16.81
N VAL A 456 15.53 16.44 -17.20
CA VAL A 456 14.73 15.52 -16.37
C VAL A 456 15.40 14.17 -16.17
N LYS A 457 15.88 13.56 -17.26
CA LYS A 457 16.53 12.26 -17.16
C LYS A 457 17.74 12.34 -16.25
N GLU A 458 18.62 13.30 -16.54
CA GLU A 458 19.84 13.53 -15.78
C GLU A 458 19.59 13.70 -14.26
N VAL A 459 18.54 14.44 -13.92
CA VAL A 459 18.25 14.78 -12.52
C VAL A 459 17.47 13.67 -11.83
N MET A 460 16.44 13.16 -12.50
CA MET A 460 15.57 12.17 -11.88
C MET A 460 16.17 10.77 -11.80
N ASP A 461 17.15 10.47 -12.65
CA ASP A 461 17.90 9.21 -12.57
C ASP A 461 18.60 9.01 -11.23
N THR A 462 19.14 10.09 -10.67
CA THR A 462 19.80 10.04 -9.37
C THR A 462 18.84 9.66 -8.25
N TRP A 463 17.56 10.02 -8.41
CA TRP A 463 16.53 9.74 -7.40
C TRP A 463 15.90 8.37 -7.57
N THR A 464 16.29 7.68 -8.64
CA THR A 464 15.51 6.57 -9.13
C THR A 464 16.36 5.30 -9.26
N ARG A 465 17.64 5.47 -9.56
CA ARG A 465 18.54 4.35 -9.81
C ARG A 465 19.42 3.98 -8.63
N GLN A 466 19.21 4.66 -7.50
CA GLN A 466 19.90 4.34 -6.25
C GLN A 466 18.94 4.55 -5.08
N MET A 467 19.13 3.79 -4.01
CA MET A 467 18.34 3.97 -2.82
C MET A 467 18.79 5.22 -2.05
N GLY A 468 18.01 5.58 -1.02
CA GLY A 468 18.38 6.64 -0.09
C GLY A 468 18.13 8.05 -0.56
N TYR A 469 18.56 9.01 0.25
CA TYR A 469 18.39 10.43 -0.03
C TYR A 469 19.43 11.23 0.73
N PRO A 470 19.64 12.50 0.33
CA PRO A 470 20.66 13.32 1.00
C PRO A 470 20.15 14.14 2.19
N VAL A 471 21.07 14.49 3.08
CA VAL A 471 20.85 15.58 4.02
C VAL A 471 21.68 16.76 3.54
N LEU A 472 21.08 17.96 3.54
CA LEU A 472 21.81 19.18 3.22
C LEU A 472 22.41 19.77 4.49
N ASN A 473 23.73 19.89 4.50
CA ASN A 473 24.42 20.48 5.63
C ASN A 473 24.66 21.96 5.39
N VAL A 474 24.09 22.76 6.28
CA VAL A 474 24.18 24.21 6.17
C VAL A 474 25.45 24.70 6.84
N ASN A 475 26.28 25.39 6.07
CA ASN A 475 27.44 26.05 6.63
C ASN A 475 27.33 27.54 6.35
N GLY A 476 27.43 28.34 7.41
CA GLY A 476 27.37 29.78 7.31
C GLY A 476 26.08 30.30 6.70
N VAL A 477 24.95 29.71 7.10
CA VAL A 477 23.62 30.19 6.73
C VAL A 477 23.28 29.93 5.25
N LYS A 478 24.30 29.89 4.40
CA LYS A 478 24.08 30.03 2.95
C LYS A 478 24.77 28.94 2.10
N ASN A 479 25.89 28.42 2.57
CA ASN A 479 26.57 27.30 1.91
C ASN A 479 25.91 25.98 2.28
N ILE A 480 25.61 25.18 1.27
CA ILE A 480 25.08 23.85 1.51
C ILE A 480 25.97 22.79 0.88
N THR A 481 26.09 21.66 1.57
CA THR A 481 26.73 20.49 1.02
C THR A 481 25.79 19.32 1.19
N GLN A 482 25.93 18.32 0.33
CA GLN A 482 25.07 17.14 0.41
C GLN A 482 25.84 15.92 0.93
N LYS A 483 25.13 15.10 1.68
CA LYS A 483 25.68 13.85 2.18
C LYS A 483 24.53 12.85 2.31
N ARG A 484 24.79 11.59 2.00
CA ARG A 484 23.76 10.56 2.15
C ARG A 484 23.31 10.54 3.60
N PHE A 485 21.99 10.45 3.80
CA PHE A 485 21.43 10.38 5.15
C PHE A 485 21.13 8.93 5.51
N LEU A 486 21.78 8.43 6.54
CA LEU A 486 21.53 7.08 7.04
C LEU A 486 21.24 7.13 8.54
N LEU A 487 20.24 6.37 8.96
CA LEU A 487 19.84 6.36 10.36
C LEU A 487 20.91 5.73 11.25
N ASP A 488 21.64 4.77 10.69
CA ASP A 488 22.75 4.10 11.37
C ASP A 488 24.08 4.78 11.04
N PRO A 489 24.67 5.49 12.02
CA PRO A 489 25.92 6.23 11.81
C PRO A 489 27.12 5.31 11.54
N ARG A 490 27.04 4.06 11.98
CA ARG A 490 28.14 3.10 11.77
C ARG A 490 28.16 2.52 10.37
N ALA A 491 27.02 2.58 9.67
CA ALA A 491 26.88 1.96 8.35
C ALA A 491 27.75 2.61 7.28
N ASN A 492 28.21 1.80 6.32
CA ASN A 492 29.06 2.27 5.24
C ASN A 492 28.24 3.03 4.20
N PRO A 493 28.46 4.35 4.08
CA PRO A 493 27.64 5.19 3.22
C PRO A 493 27.78 4.88 1.73
N SER A 494 28.83 4.16 1.36
CA SER A 494 29.02 3.81 -0.05
C SER A 494 28.37 2.48 -0.46
N GLN A 495 27.74 1.78 0.47
CA GLN A 495 27.12 0.48 0.18
C GLN A 495 25.58 0.52 0.17
N PRO A 496 24.95 -0.36 -0.64
CA PRO A 496 25.55 -1.22 -1.65
C PRO A 496 26.03 -0.39 -2.84
N PRO A 497 26.97 -0.91 -3.64
CA PRO A 497 27.58 -0.16 -4.74
C PRO A 497 26.57 0.57 -5.65
N SER A 498 26.82 1.86 -5.88
CA SER A 498 26.00 2.67 -6.78
C SER A 498 26.89 3.40 -7.80
N ASP A 499 26.52 3.28 -9.07
CA ASP A 499 27.23 4.00 -10.15
C ASP A 499 27.25 5.50 -9.88
N LEU A 500 26.17 5.99 -9.28
CA LEU A 500 26.02 7.41 -8.97
C LEU A 500 26.65 7.81 -7.64
N GLY A 501 27.16 6.82 -6.91
CA GLY A 501 27.97 7.04 -5.72
C GLY A 501 27.30 7.80 -4.59
N TYR A 502 25.97 7.70 -4.52
CA TYR A 502 25.15 8.37 -3.49
C TYR A 502 25.34 9.89 -3.41
N THR A 503 25.35 10.52 -4.58
CA THR A 503 25.18 11.96 -4.71
C THR A 503 24.03 12.20 -5.68
N TRP A 504 23.27 13.26 -5.44
CA TRP A 504 22.04 13.53 -6.20
C TRP A 504 22.08 14.86 -6.90
N ASN A 505 21.29 14.96 -7.97
CA ASN A 505 20.94 16.24 -8.53
C ASN A 505 19.67 16.72 -7.83
N ILE A 506 19.85 17.65 -6.90
CA ILE A 506 18.77 18.07 -6.01
C ILE A 506 18.15 19.39 -6.45
N PRO A 507 16.86 19.37 -6.84
CA PRO A 507 16.15 20.62 -7.05
C PRO A 507 15.91 21.24 -5.70
N VAL A 508 16.55 22.39 -5.47
CA VAL A 508 16.53 23.05 -4.18
C VAL A 508 15.70 24.33 -4.25
N LYS A 509 14.76 24.46 -3.32
CA LYS A 509 13.96 25.67 -3.16
C LYS A 509 14.17 26.23 -1.76
N TRP A 510 14.13 27.55 -1.66
CA TRP A 510 14.23 28.22 -0.37
C TRP A 510 13.43 29.53 -0.32
N THR A 511 13.11 29.97 0.90
CA THR A 511 12.35 31.19 1.14
C THR A 511 13.24 32.24 1.79
N GLU A 512 13.50 33.32 1.06
CA GLU A 512 14.33 34.43 1.54
C GLU A 512 13.55 35.24 2.58
N ASP A 513 12.50 35.93 2.15
CA ASP A 513 11.68 36.74 3.05
C ASP A 513 10.27 36.82 2.48
N ASN A 514 9.57 35.68 2.51
CA ASN A 514 8.32 35.48 1.76
C ASN A 514 8.55 35.45 0.23
N ILE A 515 9.82 35.51 -0.19
CA ILE A 515 10.17 35.41 -1.61
C ILE A 515 10.96 34.11 -1.87
N THR A 516 10.54 33.38 -2.89
CA THR A 516 11.04 32.03 -3.16
C THR A 516 12.00 31.98 -4.34
N SER A 517 13.10 31.26 -4.18
CA SER A 517 14.09 31.10 -5.24
C SER A 517 14.38 29.61 -5.49
N SER A 518 14.86 29.29 -6.69
CA SER A 518 15.11 27.91 -7.08
C SER A 518 16.51 27.73 -7.67
N VAL A 519 17.13 26.59 -7.33
CA VAL A 519 18.44 26.20 -7.88
C VAL A 519 18.52 24.67 -7.97
N LEU A 520 19.07 24.17 -9.06
CA LEU A 520 19.44 22.76 -9.14
C LEU A 520 20.87 22.58 -8.62
N PHE A 521 20.99 21.76 -7.58
CA PHE A 521 22.27 21.47 -6.96
C PHE A 521 22.88 20.30 -7.70
N ASN A 522 23.86 20.59 -8.56
CA ASN A 522 24.51 19.59 -9.41
C ASN A 522 25.38 18.61 -8.62
N ARG A 523 25.34 17.34 -9.04
CA ARG A 523 26.09 16.23 -8.48
C ARG A 523 27.59 16.50 -8.45
N SER A 524 28.09 17.09 -9.53
CA SER A 524 29.51 17.31 -9.75
C SER A 524 30.05 18.56 -9.04
N GLU A 525 29.17 19.31 -8.36
CA GLU A 525 29.60 20.37 -7.46
C GLU A 525 29.99 19.73 -6.13
N LYS A 526 31.15 19.08 -6.15
CA LYS A 526 31.59 18.21 -5.06
C LYS A 526 31.79 18.93 -3.74
N GLU A 527 32.16 20.21 -3.82
CA GLU A 527 32.39 21.00 -2.62
C GLU A 527 31.19 21.89 -2.27
N GLY A 528 30.00 21.48 -2.73
CA GLY A 528 28.76 22.18 -2.43
C GLY A 528 28.54 23.45 -3.23
N ILE A 529 27.36 24.06 -3.04
CA ILE A 529 27.01 25.32 -3.69
C ILE A 529 26.59 26.39 -2.68
N THR A 530 26.37 27.59 -3.17
CA THR A 530 25.98 28.72 -2.32
C THR A 530 24.65 29.28 -2.84
N LEU A 531 23.72 29.53 -1.93
CA LEU A 531 22.37 29.93 -2.31
C LEU A 531 22.20 31.44 -2.48
N ASN A 532 21.93 31.87 -3.72
CA ASN A 532 21.75 33.28 -4.04
C ASN A 532 20.54 33.91 -3.34
N SER A 537 18.77 40.13 -0.77
CA SER A 537 19.61 41.08 -0.03
C SER A 537 20.10 40.47 1.28
N GLY A 538 21.24 40.95 1.78
CA GLY A 538 21.94 40.39 2.96
C GLY A 538 21.03 39.84 4.04
N ASN A 539 21.23 38.57 4.37
CA ASN A 539 20.23 37.85 5.14
C ASN A 539 20.59 37.35 6.52
N ALA A 540 19.57 37.31 7.38
CA ALA A 540 19.65 36.73 8.72
C ALA A 540 18.95 35.37 8.86
N PHE A 541 18.09 34.99 7.89
CA PHE A 541 17.44 33.66 7.91
C PHE A 541 16.99 33.07 6.56
N LEU A 542 17.49 31.88 6.28
CA LEU A 542 17.10 31.14 5.08
C LEU A 542 16.25 29.92 5.41
N LYS A 543 15.02 29.89 4.88
CA LYS A 543 14.12 28.74 5.04
C LYS A 543 14.26 27.79 3.86
N ILE A 544 15.03 26.71 4.05
CA ILE A 544 15.37 25.79 2.96
C ILE A 544 14.40 24.62 2.91
N ASN A 545 13.98 24.28 1.70
CA ASN A 545 13.00 23.21 1.44
C ASN A 545 11.61 23.54 2.01
N PRO A 546 10.95 24.58 1.44
CA PRO A 546 9.64 25.00 1.97
C PRO A 546 8.57 23.93 1.75
N ASP A 547 7.71 23.75 2.75
CA ASP A 547 6.67 22.70 2.79
C ASP A 547 7.24 21.29 2.60
N HIS A 548 8.54 21.15 2.90
CA HIS A 548 9.30 19.91 2.71
C HIS A 548 9.03 19.31 1.33
N ILE A 549 9.11 20.16 0.31
CA ILE A 549 8.70 19.80 -1.04
C ILE A 549 9.69 18.84 -1.72
N GLY A 550 10.96 18.94 -1.33
CA GLY A 550 12.01 18.08 -1.89
C GLY A 550 12.33 16.91 -0.99
N PHE A 551 12.68 15.78 -1.61
CA PHE A 551 12.91 14.53 -0.89
C PHE A 551 14.28 14.47 -0.23
N TYR A 552 14.52 15.42 0.68
CA TYR A 552 15.79 15.48 1.41
C TYR A 552 15.57 16.12 2.77
N ARG A 553 16.58 16.03 3.64
CA ARG A 553 16.53 16.71 4.93
C ARG A 553 17.53 17.86 4.97
N VAL A 554 17.20 18.90 5.73
CA VAL A 554 18.10 20.04 5.89
C VAL A 554 18.60 20.09 7.33
N ASN A 555 19.92 20.09 7.49
CA ASN A 555 20.53 20.23 8.80
C ASN A 555 21.20 21.59 8.93
N TYR A 556 20.48 22.50 9.59
CA TYR A 556 20.98 23.84 9.88
C TYR A 556 22.12 23.80 10.89
N GLU A 557 22.88 24.89 10.98
CA GLU A 557 23.85 25.03 12.06
C GLU A 557 23.10 25.01 13.39
N VAL A 558 23.77 24.54 14.43
CA VAL A 558 23.16 24.39 15.76
C VAL A 558 22.60 25.74 16.28
N ALA A 559 23.32 26.83 16.02
CA ALA A 559 22.85 28.16 16.44
C ALA A 559 21.53 28.51 15.76
N THR A 560 21.40 28.17 14.48
CA THR A 560 20.16 28.38 13.72
C THR A 560 19.01 27.59 14.36
N TRP A 561 19.26 26.31 14.64
CA TRP A 561 18.28 25.44 15.29
C TRP A 561 17.82 26.03 16.63
N ASP A 562 18.79 26.52 17.40
CA ASP A 562 18.53 27.19 18.66
C ASP A 562 17.59 28.40 18.45
N SER A 563 17.85 29.18 17.41
CA SER A 563 17.03 30.36 17.10
C SER A 563 15.62 29.99 16.66
N ILE A 564 15.50 28.86 15.96
CA ILE A 564 14.20 28.34 15.54
C ILE A 564 13.35 27.99 16.75
N ALA A 565 13.93 27.28 17.71
CA ALA A 565 13.26 26.96 18.97
C ALA A 565 12.72 28.20 19.69
N THR A 566 13.56 29.22 19.81
CA THR A 566 13.17 30.49 20.42
C THR A 566 12.04 31.15 19.62
N ALA A 567 12.20 31.18 18.29
CA ALA A 567 11.19 31.79 17.41
C ALA A 567 9.84 31.09 17.56
N LEU A 568 9.86 29.77 17.69
CA LEU A 568 8.63 29.00 17.91
C LEU A 568 7.97 29.35 19.24
N SER A 569 8.78 29.56 20.27
CA SER A 569 8.27 29.89 21.59
C SER A 569 7.64 31.26 21.63
N LEU A 570 8.20 32.18 20.84
CA LEU A 570 7.72 33.56 20.76
C LEU A 570 6.45 33.71 19.90
N ASN A 571 6.54 33.28 18.64
CA ASN A 571 5.40 33.28 17.71
C ASN A 571 5.54 32.15 16.69
N HIS A 572 4.95 31.00 17.00
CA HIS A 572 5.12 29.81 16.17
C HIS A 572 4.50 29.94 14.77
N LYS A 573 3.47 30.79 14.66
CA LYS A 573 2.79 31.06 13.40
C LYS A 573 3.70 31.72 12.36
N THR A 574 4.88 32.15 12.80
CA THR A 574 5.89 32.69 11.89
C THR A 574 6.21 31.68 10.81
N PHE A 575 6.12 30.40 11.16
CA PHE A 575 6.27 29.31 10.20
C PHE A 575 4.91 28.76 9.83
N SER A 576 4.77 28.32 8.58
CA SER A 576 3.56 27.63 8.13
C SER A 576 3.46 26.28 8.84
N SER A 577 2.25 25.74 8.92
CA SER A 577 1.99 24.44 9.56
C SER A 577 2.88 23.34 9.00
N ALA A 578 3.00 23.32 7.68
CA ALA A 578 3.84 22.33 7.00
C ALA A 578 5.31 22.49 7.41
N ASP A 579 5.79 23.73 7.45
CA ASP A 579 7.19 24.05 7.78
C ASP A 579 7.55 23.65 9.19
N ARG A 580 6.65 23.89 10.14
CA ARG A 580 6.82 23.42 11.52
C ARG A 580 6.98 21.89 11.55
N ALA A 581 6.03 21.18 10.93
CA ALA A 581 6.07 19.73 10.87
C ALA A 581 7.40 19.24 10.30
N SER A 582 7.83 19.90 9.22
CA SER A 582 9.06 19.53 8.52
C SER A 582 10.30 19.73 9.38
N LEU A 583 10.41 20.89 10.02
CA LEU A 583 11.54 21.21 10.89
C LEU A 583 11.61 20.24 12.06
N ILE A 584 10.45 19.94 12.64
CA ILE A 584 10.36 19.00 13.75
C ILE A 584 10.75 17.60 13.30
N ASP A 585 10.26 17.20 12.13
CA ASP A 585 10.54 15.88 11.60
C ASP A 585 12.02 15.71 11.31
N ASP A 586 12.62 16.71 10.65
CA ASP A 586 14.03 16.67 10.31
C ASP A 586 14.92 16.62 11.55
N ALA A 587 14.61 17.46 12.53
CA ALA A 587 15.40 17.56 13.75
C ALA A 587 15.44 16.22 14.48
N PHE A 588 14.29 15.61 14.66
CA PHE A 588 14.23 14.35 15.38
C PHE A 588 14.83 13.20 14.61
N ALA A 589 14.73 13.24 13.28
CA ALA A 589 15.40 12.23 12.46
C ALA A 589 16.92 12.41 12.51
N LEU A 590 17.36 13.67 12.40
CA LEU A 590 18.76 14.02 12.53
C LEU A 590 19.33 13.57 13.89
N ALA A 591 18.55 13.79 14.96
CA ALA A 591 18.97 13.39 16.30
C ALA A 591 19.09 11.87 16.39
N ARG A 592 18.12 11.19 15.78
CA ARG A 592 18.11 9.74 15.74
C ARG A 592 19.33 9.19 15.02
N ALA A 593 19.80 9.93 14.02
CA ALA A 593 20.94 9.57 13.19
C ALA A 593 22.29 10.03 13.77
N GLN A 594 22.28 10.64 14.95
CA GLN A 594 23.49 11.21 15.56
C GLN A 594 24.11 12.30 14.71
N LEU A 595 23.27 13.13 14.12
CA LEU A 595 23.75 14.24 13.31
C LEU A 595 23.38 15.57 13.95
N LEU A 596 22.56 15.51 14.99
CA LEU A 596 22.13 16.66 15.78
C LEU A 596 21.89 16.23 17.21
N ASP A 597 22.37 17.03 18.16
CA ASP A 597 22.21 16.73 19.57
C ASP A 597 20.74 16.75 19.96
N TYR A 598 20.32 15.72 20.70
CA TYR A 598 18.93 15.56 21.10
C TYR A 598 18.36 16.75 21.86
N LYS A 599 19.19 17.38 22.70
CA LYS A 599 18.77 18.55 23.46
C LYS A 599 18.30 19.65 22.50
N VAL A 600 18.95 19.74 21.35
CA VAL A 600 18.57 20.72 20.33
C VAL A 600 17.23 20.38 19.71
N ALA A 601 17.01 19.10 19.39
CA ALA A 601 15.75 18.62 18.88
C ALA A 601 14.63 18.79 19.91
N LEU A 602 14.86 18.31 21.14
CA LEU A 602 13.85 18.40 22.19
C LEU A 602 13.42 19.83 22.47
N ASN A 603 14.36 20.76 22.39
CA ASN A 603 14.09 22.19 22.57
C ASN A 603 12.99 22.71 21.63
N LEU A 604 12.87 22.11 20.45
CA LEU A 604 11.83 22.50 19.50
C LEU A 604 10.42 22.11 19.96
N THR A 605 10.31 21.27 20.98
CA THR A 605 8.98 20.85 21.47
C THR A 605 8.43 21.75 22.57
N LYS A 606 9.24 22.71 23.01
CA LYS A 606 8.89 23.56 24.14
C LYS A 606 7.67 24.46 23.88
N TYR A 607 7.51 24.89 22.63
CA TYR A 607 6.43 25.80 22.28
C TYR A 607 5.06 25.14 22.27
N LEU A 608 5.04 23.81 22.31
CA LEU A 608 3.84 23.03 21.91
C LEU A 608 2.52 23.36 22.59
N LYS A 609 2.54 23.90 23.81
CA LYS A 609 1.30 24.25 24.50
C LYS A 609 0.43 25.18 23.68
N ARG A 610 1.04 25.83 22.69
CA ARG A 610 0.34 26.78 21.84
C ARG A 610 0.11 26.27 20.41
N GLU A 611 0.60 25.07 20.14
CA GLU A 611 0.43 24.45 18.83
C GLU A 611 -1.02 24.00 18.65
N GLU A 612 -1.62 24.36 17.51
CA GLU A 612 -3.02 24.06 17.23
C GLU A 612 -3.25 23.40 15.87
N ASN A 613 -2.20 23.15 15.13
CA ASN A 613 -2.35 22.61 13.78
C ASN A 613 -2.08 21.13 13.68
N PHE A 614 -2.77 20.50 12.73
CA PHE A 614 -2.74 19.07 12.53
C PHE A 614 -1.34 18.54 12.18
N LEU A 615 -0.75 19.08 11.12
CA LEU A 615 0.52 18.57 10.62
C LEU A 615 1.66 18.57 11.62
N PRO A 616 1.89 19.69 12.34
CA PRO A 616 2.95 19.63 13.35
C PRO A 616 2.67 18.65 14.48
N TRP A 617 1.42 18.55 14.93
CA TRP A 617 1.09 17.56 15.98
C TRP A 617 1.33 16.12 15.54
N GLN A 618 1.00 15.80 14.29
CA GLN A 618 1.18 14.44 13.79
C GLN A 618 2.63 14.02 13.77
N ARG A 619 3.51 14.91 13.33
CA ARG A 619 4.94 14.61 13.28
C ARG A 619 5.61 14.65 14.65
N VAL A 620 5.08 15.46 15.55
CA VAL A 620 5.51 15.45 16.95
C VAL A 620 5.18 14.09 17.56
N ILE A 621 3.93 13.66 17.38
CA ILE A 621 3.46 12.40 17.93
C ILE A 621 4.24 11.20 17.36
N SER A 622 4.50 11.23 16.06
CA SER A 622 5.32 10.20 15.44
C SER A 622 6.69 10.06 16.12
N ALA A 623 7.33 11.20 16.36
CA ALA A 623 8.68 11.26 16.92
C ALA A 623 8.73 10.85 18.39
N VAL A 624 7.74 11.32 19.16
CA VAL A 624 7.62 10.97 20.56
C VAL A 624 7.26 9.49 20.73
N THR A 625 6.39 8.98 19.88
CA THR A 625 6.02 7.57 19.94
C THR A 625 7.25 6.69 19.89
N TYR A 626 8.21 7.02 19.03
CA TYR A 626 9.43 6.22 18.94
C TYR A 626 10.26 6.30 20.23
N ILE A 627 10.52 7.52 20.70
CA ILE A 627 11.33 7.76 21.89
C ILE A 627 10.70 7.11 23.11
N ILE A 628 9.40 7.30 23.28
CA ILE A 628 8.65 6.73 24.41
C ILE A 628 8.70 5.21 24.41
N SER A 629 8.63 4.59 23.24
CA SER A 629 8.65 3.13 23.16
C SER A 629 10.03 2.57 23.47
N MET A 630 11.07 3.32 23.13
CA MET A 630 12.43 2.92 23.49
C MET A 630 12.66 2.93 25.01
N PHE A 631 11.85 3.69 25.74
CA PHE A 631 12.04 3.81 27.19
C PHE A 631 10.90 3.18 28.02
N GLU A 632 10.04 2.44 27.34
CA GLU A 632 8.90 1.79 27.98
C GLU A 632 9.27 1.15 29.30
N ASP A 633 10.32 0.33 29.31
CA ASP A 633 10.71 -0.39 30.53
C ASP A 633 11.63 0.41 31.47
N ASP A 634 11.92 1.66 31.12
CA ASP A 634 12.82 2.49 31.91
C ASP A 634 12.03 3.30 32.94
N LYS A 635 12.00 2.80 34.18
CA LYS A 635 11.22 3.44 35.24
C LYS A 635 11.70 4.83 35.61
N GLU A 636 12.93 5.15 35.22
CA GLU A 636 13.49 6.47 35.49
C GLU A 636 13.05 7.47 34.41
N LEU A 637 13.24 7.12 33.15
CA LEU A 637 12.98 8.04 32.05
C LEU A 637 11.51 8.17 31.70
N TYR A 638 10.81 7.05 31.64
CA TYR A 638 9.46 7.02 31.10
C TYR A 638 8.51 8.02 31.77
N PRO A 639 8.37 7.99 33.12
CA PRO A 639 7.45 8.92 33.79
C PRO A 639 7.70 10.37 33.43
N MET A 640 8.99 10.74 33.33
CA MET A 640 9.40 12.10 33.00
C MET A 640 8.95 12.52 31.60
N ILE A 641 9.13 11.62 30.65
CA ILE A 641 8.71 11.87 29.27
C ILE A 641 7.19 11.95 29.18
N GLU A 642 6.53 11.07 29.91
CA GLU A 642 5.09 11.04 30.00
C GLU A 642 4.60 12.37 30.57
N GLU A 643 5.17 12.78 31.69
CA GLU A 643 4.76 13.99 32.39
C GLU A 643 4.88 15.22 31.50
N TYR A 644 6.04 15.38 30.86
CA TYR A 644 6.29 16.49 29.95
C TYR A 644 5.27 16.50 28.84
N PHE A 645 5.22 15.45 28.02
CA PHE A 645 4.36 15.46 26.85
C PHE A 645 2.87 15.50 27.16
N GLN A 646 2.50 15.00 28.33
CA GLN A 646 1.14 15.13 28.83
C GLN A 646 0.81 16.62 28.93
N GLY A 647 1.71 17.38 29.54
CA GLY A 647 1.55 18.83 29.68
C GLY A 647 1.51 19.62 28.37
N GLN A 648 2.25 19.13 27.37
CA GLN A 648 2.31 19.79 26.07
C GLN A 648 1.02 19.61 25.23
N VAL A 649 0.38 18.43 25.26
CA VAL A 649 -0.93 18.27 24.58
C VAL A 649 -2.14 18.73 25.38
N LYS A 650 -2.02 18.77 26.71
CA LYS A 650 -3.19 19.06 27.53
C LYS A 650 -4.03 20.22 26.97
N PRO A 651 -3.41 21.38 26.66
CA PRO A 651 -4.21 22.51 26.20
C PRO A 651 -5.03 22.24 24.94
N ILE A 652 -4.41 21.66 23.91
CA ILE A 652 -5.13 21.37 22.67
C ILE A 652 -6.16 20.26 22.86
N ALA A 653 -5.82 19.25 23.67
CA ALA A 653 -6.76 18.18 23.98
C ALA A 653 -7.98 18.72 24.71
N ASP A 654 -7.74 19.58 25.71
CA ASP A 654 -8.82 20.20 26.47
C ASP A 654 -9.64 21.14 25.60
N SER A 655 -8.95 21.92 24.76
CA SER A 655 -9.60 22.90 23.88
C SER A 655 -10.58 22.27 22.88
N LEU A 656 -10.19 21.15 22.30
CA LEU A 656 -11.02 20.46 21.31
C LEU A 656 -12.13 19.63 21.95
N GLY A 657 -11.86 19.06 23.13
CA GLY A 657 -12.89 18.32 23.90
C GLY A 657 -13.30 16.98 23.32
N TRP A 658 -14.16 16.26 24.04
CA TRP A 658 -14.66 14.96 23.58
C TRP A 658 -16.01 15.10 22.88
N ASN A 659 -15.99 15.55 21.62
CA ASN A 659 -17.20 15.81 20.82
C ASN A 659 -16.86 16.11 19.36
N ASP A 660 -17.66 15.61 18.43
CA ASP A 660 -17.39 15.76 17.00
C ASP A 660 -17.76 17.12 16.41
N ALA A 661 -17.05 18.16 16.81
CA ALA A 661 -17.33 19.50 16.29
C ALA A 661 -16.18 20.03 15.42
N GLY A 662 -16.52 20.75 14.37
CA GLY A 662 -15.51 21.37 13.50
C GLY A 662 -15.37 20.69 12.15
N ASP A 663 -14.48 21.25 11.32
CA ASP A 663 -14.26 20.73 9.97
C ASP A 663 -13.41 19.45 9.97
N HIS A 664 -13.20 18.90 8.77
CA HIS A 664 -12.51 17.62 8.61
C HIS A 664 -11.19 17.55 9.36
N VAL A 665 -10.31 18.50 9.07
CA VAL A 665 -8.97 18.48 9.61
C VAL A 665 -8.97 18.65 11.13
N THR A 666 -9.89 19.45 11.65
CA THR A 666 -10.02 19.62 13.10
C THR A 666 -10.39 18.29 13.73
N LYS A 667 -11.31 17.57 13.12
CA LYS A 667 -11.77 16.30 13.67
C LYS A 667 -10.65 15.25 13.69
N LEU A 668 -9.85 15.20 12.61
CA LEU A 668 -8.62 14.40 12.58
C LEU A 668 -7.66 14.81 13.69
N LEU A 669 -7.49 16.12 13.90
CA LEU A 669 -6.62 16.61 14.96
C LEU A 669 -7.07 16.13 16.33
N ARG A 670 -8.38 16.24 16.58
CA ARG A 670 -8.95 15.82 17.85
C ARG A 670 -8.66 14.35 18.13
N SER A 671 -8.89 13.50 17.13
CA SER A 671 -8.58 12.08 17.25
C SER A 671 -7.17 11.86 17.73
N SER A 672 -6.19 12.41 17.01
CA SER A 672 -4.82 12.05 17.33
C SER A 672 -4.33 12.74 18.59
N VAL A 673 -4.85 13.93 18.85
CA VAL A 673 -4.47 14.68 20.04
C VAL A 673 -5.06 14.10 21.35
N LEU A 674 -6.32 13.66 21.30
CA LEU A 674 -6.92 12.99 22.44
C LEU A 674 -6.29 11.62 22.66
N GLY A 675 -5.94 10.95 21.56
CA GLY A 675 -5.26 9.66 21.62
C GLY A 675 -3.91 9.74 22.29
N PHE A 676 -3.15 10.78 21.94
CA PHE A 676 -1.83 11.00 22.52
C PHE A 676 -1.96 11.33 24.00
N ALA A 677 -2.96 12.15 24.36
CA ALA A 677 -3.25 12.48 25.76
C ALA A 677 -3.47 11.20 26.55
N CYS A 678 -4.27 10.29 26.00
CA CYS A 678 -4.52 8.99 26.60
C CYS A 678 -3.23 8.19 26.68
N LYS A 679 -2.50 8.16 25.56
CA LYS A 679 -1.26 7.42 25.52
C LYS A 679 -0.29 7.92 26.58
N MET A 680 -0.26 9.23 26.79
CA MET A 680 0.63 9.83 27.79
C MET A 680 0.08 9.77 29.22
N GLY A 681 -1.09 9.15 29.38
CA GLY A 681 -1.62 8.86 30.71
C GLY A 681 -2.35 9.99 31.43
N ASP A 682 -2.86 10.95 30.65
CA ASP A 682 -3.73 12.02 31.16
C ASP A 682 -4.96 11.43 31.82
N ARG A 683 -5.06 11.54 33.15
CA ARG A 683 -6.15 10.95 33.90
C ARG A 683 -7.51 11.37 33.35
N GLU A 684 -7.66 12.65 33.06
CA GLU A 684 -8.93 13.21 32.59
C GLU A 684 -9.35 12.69 31.22
N ALA A 685 -8.37 12.52 30.33
CA ALA A 685 -8.63 11.95 29.02
C ALA A 685 -9.00 10.48 29.13
N LEU A 686 -8.31 9.77 30.03
CA LEU A 686 -8.58 8.35 30.23
C LEU A 686 -9.95 8.13 30.86
N ASN A 687 -10.35 9.03 31.74
CA ASN A 687 -11.66 8.96 32.37
C ASN A 687 -12.80 9.26 31.43
N ASN A 688 -12.56 10.15 30.46
CA ASN A 688 -13.51 10.38 29.39
C ASN A 688 -13.74 9.10 28.59
N ALA A 689 -12.63 8.44 28.25
CA ALA A 689 -12.68 7.19 27.51
C ALA A 689 -13.45 6.14 28.31
N SER A 690 -13.09 5.94 29.57
CA SER A 690 -13.81 4.95 30.40
C SER A 690 -15.29 5.24 30.52
N SER A 691 -15.61 6.51 30.77
CA SER A 691 -16.99 6.93 30.94
C SER A 691 -17.82 6.60 29.69
N LEU A 692 -17.33 7.02 28.52
CA LEU A 692 -17.98 6.74 27.25
C LEU A 692 -18.08 5.23 26.98
N PHE A 693 -16.99 4.50 27.25
CA PHE A 693 -16.99 3.06 27.11
C PHE A 693 -18.10 2.41 27.94
N GLU A 694 -18.19 2.79 29.21
CA GLU A 694 -19.23 2.30 30.11
C GLU A 694 -20.63 2.56 29.53
N GLN A 695 -20.84 3.76 28.97
CA GLN A 695 -22.12 4.12 28.36
C GLN A 695 -22.41 3.26 27.13
N TRP A 696 -21.38 3.04 26.30
CA TRP A 696 -21.52 2.22 25.11
C TRP A 696 -21.90 0.79 25.48
N LEU A 697 -21.33 0.27 26.56
CA LEU A 697 -21.68 -1.04 27.07
C LEU A 697 -23.15 -1.15 27.48
N ASN A 698 -23.80 -0.02 27.75
CA ASN A 698 -25.24 -0.02 28.05
C ASN A 698 -26.12 -0.28 26.81
N GLY A 699 -25.51 -0.30 25.63
CA GLY A 699 -26.13 -0.87 24.43
C GLY A 699 -27.01 0.00 23.56
N THR A 700 -27.18 1.27 23.93
CA THR A 700 -28.02 2.20 23.18
C THR A 700 -27.19 3.31 22.58
N VAL A 701 -26.43 3.98 23.44
CA VAL A 701 -25.69 5.20 23.08
C VAL A 701 -24.75 4.94 21.92
N SER A 702 -24.99 5.64 20.81
CA SER A 702 -24.08 5.61 19.68
C SER A 702 -22.95 6.62 19.89
N LEU A 703 -21.72 6.13 20.04
CA LEU A 703 -20.56 7.00 20.29
C LEU A 703 -20.28 7.96 19.15
N PRO A 704 -19.79 9.18 19.46
CA PRO A 704 -19.32 10.14 18.46
C PRO A 704 -18.27 9.50 17.54
N VAL A 705 -18.55 9.51 16.25
CA VAL A 705 -17.80 8.70 15.26
C VAL A 705 -16.27 8.84 15.31
N ASN A 706 -15.78 10.05 15.59
CA ASN A 706 -14.33 10.26 15.59
C ASN A 706 -13.64 9.92 16.93
N LEU A 707 -14.43 9.46 17.89
CA LEU A 707 -13.90 9.11 19.22
C LEU A 707 -13.97 7.60 19.51
N ARG A 708 -14.76 6.89 18.70
CA ARG A 708 -15.03 5.47 18.89
C ARG A 708 -13.79 4.64 19.11
N LEU A 709 -12.85 4.72 18.17
CA LEU A 709 -11.65 3.90 18.24
C LEU A 709 -10.96 4.10 19.60
N LEU A 710 -10.80 5.36 19.98
CA LEU A 710 -10.16 5.72 21.24
C LEU A 710 -10.93 5.17 22.43
N VAL A 711 -12.24 5.26 22.36
CA VAL A 711 -13.10 4.76 23.42
C VAL A 711 -12.98 3.26 23.56
N TYR A 712 -12.99 2.53 22.44
CA TYR A 712 -12.85 1.06 22.49
C TYR A 712 -11.49 0.66 23.02
N ARG A 713 -10.45 1.31 22.53
CA ARG A 713 -9.08 1.03 22.94
C ARG A 713 -8.82 1.34 24.41
N TYR A 714 -8.95 2.61 24.78
CA TYR A 714 -8.60 3.02 26.13
C TYR A 714 -9.66 2.64 27.14
N GLY A 715 -10.91 2.54 26.68
CA GLY A 715 -11.97 2.00 27.51
C GLY A 715 -11.70 0.55 27.89
N MET A 716 -11.41 -0.28 26.89
CA MET A 716 -11.12 -1.68 27.16
C MET A 716 -9.84 -1.82 27.98
N GLN A 717 -8.84 -1.02 27.64
CA GLN A 717 -7.55 -1.08 28.33
C GLN A 717 -7.71 -0.79 29.83
N ASN A 718 -8.50 0.24 30.15
CA ASN A 718 -8.62 0.69 31.52
C ASN A 718 -9.72 0.06 32.35
N SER A 719 -10.82 -0.34 31.73
CA SER A 719 -11.91 -0.93 32.49
C SER A 719 -12.48 -2.21 31.90
N GLY A 720 -11.77 -2.78 30.92
CA GLY A 720 -12.21 -4.00 30.26
C GLY A 720 -12.06 -5.19 31.19
N ASN A 721 -12.98 -6.14 31.07
CA ASN A 721 -12.91 -7.41 31.78
C ASN A 721 -13.62 -8.43 30.88
N GLU A 722 -13.76 -9.67 31.35
CA GLU A 722 -14.31 -10.72 30.51
C GLU A 722 -15.71 -10.39 30.01
N ILE A 723 -16.56 -9.90 30.90
CA ILE A 723 -17.93 -9.54 30.54
C ILE A 723 -17.96 -8.53 29.40
N SER A 724 -17.16 -7.46 29.49
CA SER A 724 -17.21 -6.45 28.44
C SER A 724 -16.42 -6.88 27.19
N TRP A 725 -15.44 -7.76 27.39
CA TRP A 725 -14.71 -8.37 26.27
C TRP A 725 -15.67 -9.24 25.44
N ASN A 726 -16.41 -10.13 26.11
CA ASN A 726 -17.41 -10.99 25.45
C ASN A 726 -18.48 -10.18 24.73
N TYR A 727 -18.88 -9.08 25.34
CA TYR A 727 -19.90 -8.22 24.78
C TYR A 727 -19.37 -7.61 23.49
N THR A 728 -18.17 -7.04 23.56
CA THR A 728 -17.49 -6.44 22.42
C THR A 728 -17.36 -7.47 21.27
N LEU A 729 -16.97 -8.69 21.61
CA LEU A 729 -16.85 -9.76 20.63
C LEU A 729 -18.19 -10.04 19.95
N GLU A 730 -19.28 -10.10 20.71
CA GLU A 730 -20.62 -10.21 20.14
C GLU A 730 -20.97 -9.06 19.20
N GLN A 731 -20.66 -7.83 19.61
CA GLN A 731 -20.95 -6.63 18.80
C GLN A 731 -20.21 -6.67 17.46
N TYR A 732 -18.97 -7.15 17.51
CA TYR A 732 -18.16 -7.27 16.32
C TYR A 732 -18.81 -8.24 15.32
N GLN A 733 -19.31 -9.37 15.82
CA GLN A 733 -20.04 -10.32 14.97
C GLN A 733 -21.31 -9.71 14.40
N LYS A 734 -22.02 -8.92 15.21
CA LYS A 734 -23.34 -8.42 14.84
C LYS A 734 -23.34 -7.24 13.87
N THR A 735 -22.31 -6.41 13.90
CA THR A 735 -22.31 -5.25 13.00
C THR A 735 -21.98 -5.64 11.55
N SER A 736 -22.66 -5.03 10.60
CA SER A 736 -22.40 -5.28 9.18
C SER A 736 -21.28 -4.41 8.62
N LEU A 737 -21.04 -3.27 9.27
CA LEU A 737 -20.09 -2.29 8.78
C LEU A 737 -18.66 -2.70 9.11
N ALA A 738 -17.88 -3.01 8.08
CA ALA A 738 -16.49 -3.46 8.25
C ALA A 738 -15.61 -2.44 9.02
N GLN A 739 -15.82 -1.16 8.76
CA GLN A 739 -15.07 -0.10 9.45
C GLN A 739 -15.30 -0.12 10.97
N GLU A 740 -16.52 -0.41 11.39
CA GLU A 740 -16.79 -0.61 12.81
C GLU A 740 -16.14 -1.91 13.32
N LYS A 741 -16.33 -3.01 12.58
CA LYS A 741 -15.70 -4.30 12.92
C LYS A 741 -14.22 -4.13 13.25
N GLU A 742 -13.51 -3.44 12.36
CA GLU A 742 -12.09 -3.21 12.53
C GLU A 742 -11.74 -2.46 13.83
N LYS A 743 -12.54 -1.46 14.18
CA LYS A 743 -12.33 -0.73 15.43
C LYS A 743 -12.51 -1.67 16.62
N LEU A 744 -13.53 -2.53 16.54
CA LEU A 744 -13.86 -3.43 17.62
C LEU A 744 -12.76 -4.48 17.81
N LEU A 745 -12.13 -4.88 16.72
CA LEU A 745 -10.99 -5.78 16.78
C LEU A 745 -9.81 -5.16 17.51
N TYR A 746 -9.60 -3.87 17.29
CA TYR A 746 -8.58 -3.11 18.02
C TYR A 746 -8.95 -3.01 19.49
N GLY A 747 -10.22 -2.71 19.79
CA GLY A 747 -10.71 -2.73 21.17
C GLY A 747 -10.42 -4.05 21.88
N LEU A 748 -10.78 -5.16 21.23
CA LEU A 748 -10.57 -6.49 21.77
C LEU A 748 -9.10 -6.76 22.03
N ALA A 749 -8.24 -6.18 21.19
CA ALA A 749 -6.80 -6.35 21.32
C ALA A 749 -6.22 -5.52 22.47
N SER A 750 -7.04 -4.64 23.04
CA SER A 750 -6.54 -3.70 24.05
C SER A 750 -6.67 -4.17 25.49
N VAL A 751 -7.45 -5.21 25.74
CA VAL A 751 -7.67 -5.68 27.11
C VAL A 751 -6.34 -6.04 27.79
N LYS A 752 -6.22 -5.72 29.07
CA LYS A 752 -4.99 -6.03 29.80
C LYS A 752 -5.18 -7.34 30.54
N ASN A 753 -5.24 -8.42 29.78
CA ASN A 753 -5.55 -9.74 30.31
C ASN A 753 -4.98 -10.84 29.41
N VAL A 754 -4.03 -11.60 29.95
CA VAL A 754 -3.33 -12.62 29.20
C VAL A 754 -4.28 -13.71 28.72
N THR A 755 -5.18 -14.16 29.61
CA THR A 755 -6.19 -15.17 29.30
C THR A 755 -7.08 -14.76 28.11
N LEU A 756 -7.55 -13.53 28.12
CA LEU A 756 -8.44 -13.05 27.06
C LEU A 756 -7.69 -12.85 25.75
N LEU A 757 -6.48 -12.32 25.82
CA LEU A 757 -5.66 -12.22 24.62
C LEU A 757 -5.31 -13.62 24.07
N SER A 758 -5.16 -14.60 24.95
CA SER A 758 -4.91 -15.96 24.52
C SER A 758 -6.11 -16.54 23.75
N ARG A 759 -7.33 -16.29 24.24
CA ARG A 759 -8.54 -16.72 23.54
C ARG A 759 -8.61 -16.09 22.16
N TYR A 760 -8.25 -14.83 22.10
CA TYR A 760 -8.29 -14.02 20.89
C TYR A 760 -7.33 -14.58 19.84
N LEU A 761 -6.12 -14.91 20.26
CA LEU A 761 -5.16 -15.52 19.35
C LEU A 761 -5.69 -16.83 18.80
N ASP A 762 -6.33 -17.65 19.66
CA ASP A 762 -6.94 -18.91 19.25
C ASP A 762 -8.04 -18.72 18.20
N LEU A 763 -8.79 -17.62 18.29
CA LEU A 763 -9.82 -17.28 17.29
C LEU A 763 -9.27 -17.06 15.88
N LEU A 764 -7.98 -16.78 15.79
CA LEU A 764 -7.35 -16.58 14.49
C LEU A 764 -7.42 -17.82 13.60
N LYS A 765 -7.47 -19.00 14.20
CA LYS A 765 -7.60 -20.24 13.44
C LYS A 765 -9.05 -20.57 13.11
N ASP A 766 -9.96 -19.73 13.58
CA ASP A 766 -11.38 -19.94 13.35
C ASP A 766 -11.93 -19.03 12.26
N THR A 767 -12.08 -19.61 11.07
CA THR A 767 -12.50 -18.85 9.88
C THR A 767 -13.97 -18.42 9.90
N ASN A 768 -14.75 -18.96 10.84
CA ASN A 768 -16.11 -18.46 11.05
C ASN A 768 -16.17 -17.14 11.83
N LEU A 769 -15.09 -16.82 12.57
CA LEU A 769 -15.01 -15.63 13.42
C LEU A 769 -14.12 -14.52 12.86
N ILE A 770 -12.87 -14.86 12.54
CA ILE A 770 -11.93 -13.90 11.95
C ILE A 770 -11.72 -14.23 10.48
N LYS A 771 -12.00 -13.28 9.61
CA LYS A 771 -11.79 -13.49 8.19
C LYS A 771 -10.32 -13.63 7.86
N THR A 772 -10.02 -14.43 6.85
CA THR A 772 -8.66 -14.64 6.34
C THR A 772 -7.93 -13.31 6.07
N GLN A 773 -8.68 -12.33 5.55
CA GLN A 773 -8.13 -11.00 5.26
C GLN A 773 -7.71 -10.22 6.52
N ASP A 774 -8.20 -10.63 7.69
CA ASP A 774 -8.03 -9.83 8.90
C ASP A 774 -7.04 -10.42 9.90
N VAL A 775 -6.54 -11.62 9.63
CA VAL A 775 -5.68 -12.32 10.58
C VAL A 775 -4.46 -11.47 10.91
N PHE A 776 -3.80 -10.93 9.89
CA PHE A 776 -2.56 -10.18 10.14
C PHE A 776 -2.77 -8.83 10.78
N THR A 777 -3.90 -8.21 10.46
CA THR A 777 -4.31 -7.01 11.15
C THR A 777 -4.45 -7.29 12.65
N VAL A 778 -5.14 -8.38 13.01
CA VAL A 778 -5.36 -8.70 14.43
C VAL A 778 -4.05 -8.98 15.17
N ILE A 779 -3.18 -9.78 14.56
CA ILE A 779 -1.88 -10.09 15.15
C ILE A 779 -1.12 -8.78 15.48
N ARG A 780 -1.16 -7.87 14.52
CA ARG A 780 -0.49 -6.59 14.64
C ARG A 780 -1.10 -5.76 15.79
N TYR A 781 -2.42 -5.70 15.89
CA TYR A 781 -3.08 -5.03 17.02
C TYR A 781 -2.66 -5.61 18.37
N ILE A 782 -2.65 -6.94 18.47
CA ILE A 782 -2.28 -7.61 19.70
C ILE A 782 -0.84 -7.27 20.06
N SER A 783 0.02 -7.15 19.05
CA SER A 783 1.42 -6.84 19.27
C SER A 783 1.59 -5.45 19.89
N TYR A 784 0.60 -4.56 19.70
CA TYR A 784 0.66 -3.21 20.31
C TYR A 784 0.39 -3.23 21.81
N ASN A 785 -0.30 -4.26 22.29
CA ASN A 785 -0.67 -4.43 23.70
C ASN A 785 0.56 -4.72 24.55
N SER A 786 0.66 -4.08 25.71
CA SER A 786 1.84 -4.25 26.55
C SER A 786 2.14 -5.69 26.92
N TYR A 787 1.10 -6.51 27.04
CA TYR A 787 1.28 -7.95 27.27
C TYR A 787 1.47 -8.65 25.94
N GLY A 788 0.63 -8.28 24.99
CA GLY A 788 0.61 -8.88 23.67
C GLY A 788 1.78 -8.60 22.73
N LYS A 789 2.65 -7.65 23.06
CA LYS A 789 3.84 -7.42 22.24
C LYS A 789 4.52 -8.77 22.13
N ASN A 790 4.76 -9.39 23.28
CA ASN A 790 5.38 -10.69 23.29
C ASN A 790 4.49 -11.85 22.89
N MET A 791 3.20 -11.80 23.23
CA MET A 791 2.29 -12.87 22.86
C MET A 791 2.18 -13.06 21.35
N ALA A 792 1.97 -11.98 20.61
CA ALA A 792 1.85 -12.06 19.15
C ALA A 792 3.14 -12.57 18.53
N TRP A 793 4.27 -12.05 19.01
CA TRP A 793 5.58 -12.49 18.58
C TRP A 793 5.79 -13.99 18.82
N ASN A 794 5.41 -14.47 20.00
N ASN A 794 5.43 -14.46 20.02
CA ASN A 794 5.54 -15.88 20.33
CA ASN A 794 5.52 -15.87 20.38
C ASN A 794 4.56 -16.74 19.53
C ASN A 794 4.56 -16.72 19.54
N TRP A 795 3.36 -16.22 19.31
CA TRP A 795 2.34 -16.96 18.58
C TRP A 795 2.71 -17.19 17.10
N ILE A 796 3.27 -16.19 16.43
CA ILE A 796 3.70 -16.36 15.04
C ILE A 796 4.85 -17.37 14.94
N GLN A 797 5.68 -17.47 15.97
CA GLN A 797 6.74 -18.48 15.95
C GLN A 797 6.19 -19.87 16.11
N LEU A 798 5.35 -20.06 17.11
CA LEU A 798 4.76 -21.37 17.39
C LEU A 798 3.91 -21.84 16.23
N ASN A 799 3.30 -20.91 15.50
CA ASN A 799 2.33 -21.25 14.50
C ASN A 799 2.80 -20.90 13.10
N TRP A 800 4.12 -20.79 12.93
CA TRP A 800 4.70 -20.41 11.66
C TRP A 800 4.35 -21.39 10.55
N ASP A 801 4.57 -22.68 10.78
CA ASP A 801 4.20 -23.71 9.80
C ASP A 801 2.74 -23.60 9.35
N TYR A 802 1.84 -23.44 10.32
CA TYR A 802 0.42 -23.21 10.05
C TYR A 802 0.18 -21.99 9.15
N LEU A 803 0.85 -20.87 9.44
CA LEU A 803 0.62 -19.65 8.66
C LEU A 803 1.13 -19.81 7.24
N VAL A 804 2.31 -20.43 7.11
CA VAL A 804 2.91 -20.65 5.80
C VAL A 804 2.00 -21.54 4.95
N ASN A 805 1.53 -22.62 5.55
CA ASN A 805 0.62 -23.53 4.87
C ASN A 805 -0.69 -22.84 4.44
N ARG A 806 -1.22 -21.98 5.32
CA ARG A 806 -2.46 -21.28 5.04
C ARG A 806 -2.31 -20.15 4.00
N TYR A 807 -1.18 -19.43 4.04
CA TYR A 807 -0.99 -18.26 3.18
C TYR A 807 0.03 -18.43 2.05
N THR A 808 0.95 -19.39 2.19
CA THR A 808 2.12 -19.55 1.30
C THR A 808 3.16 -18.44 1.47
N LEU A 809 4.42 -18.78 1.23
CA LEU A 809 5.53 -17.83 1.32
C LEU A 809 5.47 -16.71 0.30
N ASN A 810 4.56 -16.82 -0.66
CA ASN A 810 4.37 -15.75 -1.62
C ASN A 810 3.45 -14.65 -1.10
N ASN A 811 2.85 -14.86 0.07
CA ASN A 811 1.94 -13.86 0.63
C ASN A 811 2.67 -12.69 1.27
N ARG A 812 2.42 -11.52 0.71
CA ARG A 812 3.06 -10.27 1.11
C ARG A 812 2.82 -9.96 2.58
N ASN A 813 1.57 -10.09 3.03
CA ASN A 813 1.22 -9.77 4.40
C ASN A 813 1.88 -10.70 5.40
N LEU A 814 1.98 -11.99 5.03
CA LEU A 814 2.70 -12.96 5.85
C LEU A 814 4.17 -12.60 5.94
N GLY A 815 4.77 -12.25 4.80
CA GLY A 815 6.16 -11.78 4.79
C GLY A 815 6.42 -10.62 5.75
N ARG A 816 5.48 -9.67 5.77
CA ARG A 816 5.64 -8.46 6.56
C ARG A 816 5.35 -8.58 8.06
N ILE A 817 4.71 -9.67 8.48
CA ILE A 817 4.25 -9.76 9.86
C ILE A 817 5.41 -9.69 10.87
N VAL A 818 6.63 -10.01 10.45
CA VAL A 818 7.79 -9.97 11.35
C VAL A 818 8.11 -8.55 11.80
N THR A 819 7.54 -7.54 11.14
CA THR A 819 7.77 -6.16 11.54
C THR A 819 7.09 -5.82 12.87
N ILE A 820 6.33 -6.76 13.43
CA ILE A 820 5.78 -6.55 14.77
C ILE A 820 6.91 -6.50 15.79
N ALA A 821 8.10 -6.92 15.36
CA ALA A 821 9.30 -6.92 16.16
C ALA A 821 10.04 -5.58 16.12
N GLU A 822 9.52 -4.62 15.36
CA GLU A 822 10.16 -3.28 15.28
C GLU A 822 10.48 -2.58 16.61
N PRO A 823 9.58 -2.65 17.62
CA PRO A 823 9.90 -1.99 18.89
C PRO A 823 11.02 -2.66 19.68
N PHE A 824 11.50 -3.82 19.26
CA PHE A 824 12.53 -4.52 20.03
C PHE A 824 13.82 -3.71 20.09
N ASN A 825 14.47 -3.75 21.25
CA ASN A 825 15.63 -2.91 21.50
C ASN A 825 16.70 -3.50 22.44
N THR A 826 16.71 -4.81 22.61
CA THR A 826 17.76 -5.44 23.41
C THR A 826 18.48 -6.53 22.62
N GLU A 827 19.71 -6.84 23.03
CA GLU A 827 20.48 -7.90 22.41
C GLU A 827 19.75 -9.24 22.54
N LEU A 828 19.01 -9.40 23.64
CA LEU A 828 18.24 -10.62 23.90
C LEU A 828 17.16 -10.81 22.84
N GLN A 829 16.43 -9.73 22.54
CA GLN A 829 15.34 -9.78 21.61
C GLN A 829 15.87 -10.02 20.20
N LEU A 830 16.94 -9.33 19.84
CA LEU A 830 17.60 -9.52 18.55
C LEU A 830 18.03 -10.98 18.37
N TRP A 831 18.56 -11.58 19.44
CA TRP A 831 18.94 -12.98 19.38
C TRP A 831 17.74 -13.89 19.13
N GLN A 832 16.58 -13.61 19.76
CA GLN A 832 15.34 -14.33 19.49
C GLN A 832 14.98 -14.28 18.00
N MET A 833 15.02 -13.08 17.44
CA MET A 833 14.68 -12.87 16.03
C MET A 833 15.60 -13.67 15.14
N GLU A 834 16.90 -13.53 15.35
CA GLU A 834 17.89 -14.23 14.56
C GLU A 834 17.75 -15.74 14.68
N SER A 835 17.44 -16.23 15.87
CA SER A 835 17.25 -17.66 16.11
C SER A 835 16.02 -18.20 15.37
N PHE A 836 14.94 -17.43 15.39
CA PHE A 836 13.73 -17.83 14.72
C PHE A 836 13.95 -17.79 13.21
N PHE A 837 14.55 -16.72 12.70
CA PHE A 837 14.84 -16.62 11.28
C PHE A 837 15.75 -17.74 10.78
N ALA A 838 16.72 -18.14 11.61
CA ALA A 838 17.62 -19.22 11.25
C ALA A 838 16.90 -20.57 11.25
N LYS A 839 15.84 -20.68 12.05
CA LYS A 839 15.08 -21.92 12.10
C LYS A 839 14.18 -22.04 10.89
N TYR A 840 13.63 -20.93 10.41
CA TYR A 840 12.78 -20.93 9.22
C TYR A 840 13.39 -20.00 8.18
N PRO A 841 14.50 -20.44 7.54
CA PRO A 841 15.31 -19.60 6.67
C PRO A 841 14.67 -19.32 5.32
N GLN A 842 13.64 -20.07 4.94
CA GLN A 842 12.91 -19.80 3.70
C GLN A 842 11.89 -18.69 3.93
N ALA A 843 12.27 -17.47 3.54
CA ALA A 843 11.50 -16.30 3.93
C ALA A 843 10.47 -15.88 2.89
N GLY A 844 10.66 -16.34 1.65
CA GLY A 844 9.77 -15.95 0.56
C GLY A 844 9.65 -14.45 0.42
N ALA A 845 8.42 -13.96 0.39
CA ALA A 845 8.17 -12.53 0.32
C ALA A 845 8.53 -11.78 1.61
N GLY A 846 8.98 -12.52 2.63
CA GLY A 846 9.38 -11.92 3.89
C GLY A 846 10.86 -11.57 3.96
N GLU A 847 11.58 -11.83 2.88
CA GLU A 847 13.04 -11.64 2.86
C GLU A 847 13.46 -10.21 3.15
N LYS A 848 12.85 -9.24 2.47
CA LYS A 848 13.13 -7.83 2.69
C LYS A 848 12.69 -7.36 4.09
N PRO A 849 11.41 -7.62 4.47
CA PRO A 849 11.00 -7.26 5.81
C PRO A 849 11.92 -7.79 6.90
N ARG A 850 12.38 -9.04 6.78
CA ARG A 850 13.33 -9.57 7.75
C ARG A 850 14.57 -8.70 7.84
N GLU A 851 15.19 -8.43 6.70
CA GLU A 851 16.36 -7.56 6.65
C GLU A 851 16.07 -6.22 7.31
N GLN A 852 14.93 -5.62 6.99
CA GLN A 852 14.57 -4.29 7.53
C GLN A 852 14.37 -4.29 9.05
N VAL A 853 13.61 -5.24 9.58
CA VAL A 853 13.36 -5.28 11.03
C VAL A 853 14.63 -5.58 11.83
N LEU A 854 15.52 -6.40 11.28
CA LEU A 854 16.83 -6.65 11.91
C LEU A 854 17.64 -5.37 11.98
N GLU A 855 17.67 -4.61 10.89
CA GLU A 855 18.39 -3.34 10.88
C GLU A 855 17.78 -2.41 11.92
N THR A 856 16.44 -2.33 11.94
CA THR A 856 15.74 -1.47 12.89
C THR A 856 16.06 -1.83 14.36
N VAL A 857 16.01 -3.11 14.69
CA VAL A 857 16.29 -3.56 16.06
C VAL A 857 17.75 -3.29 16.46
N LYS A 858 18.70 -3.56 15.56
CA LYS A 858 20.11 -3.21 15.78
C LYS A 858 20.28 -1.71 16.03
N ASN A 859 19.62 -0.89 15.22
CA ASN A 859 19.60 0.55 15.44
C ASN A 859 19.04 0.93 16.81
N ASN A 860 17.96 0.27 17.22
CA ASN A 860 17.36 0.56 18.52
C ASN A 860 18.34 0.30 19.65
N ILE A 861 19.08 -0.81 19.57
CA ILE A 861 20.04 -1.19 20.60
C ILE A 861 21.11 -0.11 20.73
N GLU A 862 21.66 0.32 19.58
CA GLU A 862 22.67 1.37 19.52
C GLU A 862 22.11 2.69 20.01
N TRP A 863 20.92 3.02 19.55
CA TRP A 863 20.24 4.24 19.96
C TRP A 863 20.18 4.37 21.49
N LEU A 864 19.76 3.32 22.18
CA LEU A 864 19.71 3.35 23.65
C LEU A 864 21.06 3.63 24.28
N LYS A 865 22.10 3.00 23.74
CA LYS A 865 23.46 3.11 24.23
C LYS A 865 23.99 4.53 24.04
N GLN A 866 23.63 5.12 22.89
CA GLN A 866 24.10 6.46 22.56
C GLN A 866 23.34 7.58 23.25
N HIS A 867 22.05 7.43 23.46
CA HIS A 867 21.22 8.59 23.79
C HIS A 867 20.53 8.60 25.16
N ARG A 868 20.53 7.48 25.87
CA ARG A 868 19.79 7.41 27.14
C ARG A 868 20.13 8.58 28.07
N ASN A 869 21.42 8.76 28.38
CA ASN A 869 21.83 9.81 29.31
C ASN A 869 21.50 11.22 28.86
N THR A 870 21.77 11.53 27.60
CA THR A 870 21.49 12.83 27.01
C THR A 870 20.01 13.18 27.19
N ILE A 871 19.15 12.28 26.75
CA ILE A 871 17.71 12.46 26.88
C ILE A 871 17.26 12.53 28.34
N ARG A 872 17.91 11.75 29.20
CA ARG A 872 17.63 11.76 30.64
C ARG A 872 17.96 13.11 31.25
N GLU A 873 19.15 13.65 30.93
CA GLU A 873 19.56 14.95 31.43
C GLU A 873 18.60 16.05 31.02
N TRP A 874 18.23 16.06 29.74
CA TRP A 874 17.31 17.08 29.23
C TRP A 874 16.00 17.09 30.02
N PHE A 875 15.41 15.91 30.24
CA PHE A 875 14.17 15.82 31.00
C PHE A 875 14.34 16.10 32.50
N PHE A 876 15.37 15.51 33.11
CA PHE A 876 15.62 15.71 34.54
C PHE A 876 15.81 17.19 34.88
N ASN A 877 16.66 17.86 34.11
CA ASN A 877 16.97 19.29 34.31
C ASN A 877 15.78 20.21 34.13
N LEU A 878 14.84 19.79 33.29
CA LEU A 878 13.67 20.58 32.93
C LEU A 878 12.55 20.49 33.98
N LEU A 879 12.34 19.29 34.53
CA LEU A 879 11.20 19.03 35.40
C LEU A 879 11.48 19.31 36.89
#